data_1JS6
#
_entry.id   1JS6
#
_cell.length_a   152.860
_cell.length_b   152.860
_cell.length_c   86.600
_cell.angle_alpha   90.00
_cell.angle_beta   90.00
_cell.angle_gamma   120.00
#
_symmetry.space_group_name_H-M   'P 62'
#
loop_
_entity.id
_entity.type
_entity.pdbx_description
1 polymer 'DOPA decarboxylase'
2 non-polymer "PYRIDOXAL-5'-PHOSPHATE"
3 water water
#
_entity_poly.entity_id   1
_entity_poly.type   'polypeptide(L)'
_entity_poly.pdbx_seq_one_letter_code
;MNASDFRRRGKEMVDYMADYLEGIEGRQVYPDVQPGYLRPLIPATAPQEPDTFEDILQDVEKIIMPGVTHWHSPYFFAYF
PTASSYPAMLADMLCGAIGCIGFSWAASPACTELETVMMDWLGKMLQLPEAFLAGEAGEGGGVIQGSASEATLVALLAAR
TKVVRRLQAASPGLTQGAVLEKLVAYASDQAHSSVERAGLIGGVKLKAIPSDGKFAMRASALQEALERDKAAGLIPFFVV
ATLGTTSCCSFDNLLEVGPICHEEDIWLHVDAAYAGSAFICPEFRHLLNGVEFADSFNFNPHKWLLVNFDCSAMWVKRRT
DLTGAFKLDPVYLKHSHQGSGLITDYRHWQLPLGRRFRSLKMWFVFRMYGVKGLQAYIRKHVQLSHEFEAFVLQDPRFEV
CAEVTLGLVCFRLKGSDGLNEALLERINSARKIHLVPCRLRGQFVLRFAICSRKVESGHVRLAWEHIRGLAAELLAAEEG
KAEIKS
;
_entity_poly.pdbx_strand_id   A,B
#
# COMPACT_ATOMS: atom_id res chain seq x y z
N MET A 1 -24.99 -4.04 -8.93
CA MET A 1 -26.20 -3.39 -8.34
C MET A 1 -26.15 -1.86 -8.44
N ASN A 2 -27.29 -1.23 -8.22
CA ASN A 2 -27.40 0.23 -8.32
C ASN A 2 -27.49 0.93 -6.95
N ALA A 3 -27.59 2.26 -6.97
CA ALA A 3 -27.67 3.05 -5.74
C ALA A 3 -28.76 2.60 -4.78
N SER A 4 -29.96 2.31 -5.31
CA SER A 4 -31.08 1.87 -4.48
C SER A 4 -30.74 0.64 -3.65
N ASP A 5 -30.23 -0.40 -4.32
CA ASP A 5 -29.83 -1.65 -3.67
C ASP A 5 -28.75 -1.41 -2.62
N PHE A 6 -27.83 -0.51 -2.92
CA PHE A 6 -26.76 -0.22 -2.00
C PHE A 6 -27.25 0.44 -0.73
N ARG A 7 -28.33 1.22 -0.83
CA ARG A 7 -28.86 1.85 0.37
C ARG A 7 -29.35 0.75 1.31
N ARG A 8 -30.00 -0.24 0.72
CA ARG A 8 -30.53 -1.35 1.48
C ARG A 8 -29.36 -2.15 2.03
N ARG A 9 -28.68 -2.87 1.14
CA ARG A 9 -27.53 -3.71 1.48
C ARG A 9 -26.49 -2.97 2.34
N GLY A 10 -26.09 -1.79 1.89
CA GLY A 10 -25.10 -1.03 2.64
C GLY A 10 -25.51 -0.79 4.07
N LYS A 11 -26.79 -0.58 4.29
CA LYS A 11 -27.26 -0.34 5.65
C LYS A 11 -27.28 -1.66 6.43
N GLU A 12 -27.54 -2.77 5.75
CA GLU A 12 -27.53 -4.06 6.40
C GLU A 12 -26.11 -4.28 6.92
N MET A 13 -25.13 -4.04 6.05
CA MET A 13 -23.72 -4.22 6.39
C MET A 13 -23.34 -3.42 7.61
N VAL A 14 -23.89 -2.23 7.74
CA VAL A 14 -23.59 -1.40 8.89
C VAL A 14 -24.06 -2.11 10.17
N ASP A 15 -25.27 -2.67 10.15
CA ASP A 15 -25.74 -3.36 11.34
C ASP A 15 -24.85 -4.55 11.62
N TYR A 16 -24.40 -5.22 10.56
CA TYR A 16 -23.53 -6.39 10.70
C TYR A 16 -22.25 -5.94 11.42
N MET A 17 -21.61 -4.90 10.90
CA MET A 17 -20.41 -4.40 11.51
C MET A 17 -20.67 -4.11 12.98
N ALA A 18 -21.74 -3.37 13.26
CA ALA A 18 -22.08 -3.01 14.65
C ALA A 18 -22.31 -4.25 15.53
N ASP A 19 -22.93 -5.27 14.98
CA ASP A 19 -23.20 -6.47 15.76
C ASP A 19 -21.86 -7.13 16.11
N TYR A 20 -21.05 -7.40 15.07
CA TYR A 20 -19.76 -8.03 15.26
C TYR A 20 -18.93 -7.33 16.34
N LEU A 21 -18.77 -6.02 16.23
CA LEU A 21 -17.99 -5.28 17.21
C LEU A 21 -18.66 -5.24 18.57
N GLU A 22 -19.98 -5.11 18.59
CA GLU A 22 -20.73 -5.05 19.83
C GLU A 22 -20.60 -6.36 20.60
N GLY A 23 -20.59 -7.48 19.89
CA GLY A 23 -20.50 -8.75 20.57
C GLY A 23 -19.14 -9.41 20.57
N ILE A 24 -18.13 -8.70 20.08
CA ILE A 24 -16.78 -9.25 19.98
C ILE A 24 -16.25 -9.91 21.24
N GLU A 25 -16.71 -9.47 22.40
CA GLU A 25 -16.19 -10.04 23.64
C GLU A 25 -16.60 -11.50 23.81
N GLY A 26 -17.57 -11.94 23.02
CA GLY A 26 -18.03 -13.31 23.08
C GLY A 26 -17.35 -14.17 22.04
N ARG A 27 -16.33 -13.62 21.38
CA ARG A 27 -15.58 -14.35 20.37
C ARG A 27 -14.34 -14.98 20.99
N GLN A 28 -13.91 -16.13 20.46
CA GLN A 28 -12.68 -16.74 20.96
C GLN A 28 -11.58 -15.97 20.21
N VAL A 29 -10.73 -15.28 20.93
CA VAL A 29 -9.69 -14.47 20.31
C VAL A 29 -8.87 -15.15 19.24
N TYR A 30 -8.20 -16.25 19.59
CA TYR A 30 -7.34 -16.96 18.63
C TYR A 30 -8.04 -18.19 18.05
N PRO A 31 -7.98 -18.38 16.72
CA PRO A 31 -8.62 -19.50 16.03
C PRO A 31 -8.03 -20.91 16.22
N ASP A 32 -8.90 -21.91 16.09
CA ASP A 32 -8.53 -23.34 16.24
C ASP A 32 -8.43 -23.96 14.87
N VAL A 33 -8.78 -23.17 13.87
CA VAL A 33 -8.72 -23.64 12.51
C VAL A 33 -7.27 -24.07 12.18
N GLN A 34 -7.13 -25.06 11.31
CA GLN A 34 -5.82 -25.56 10.94
C GLN A 34 -5.37 -24.91 9.62
N PRO A 35 -4.06 -24.77 9.38
CA PRO A 35 -3.61 -24.16 8.12
C PRO A 35 -4.13 -24.89 6.91
N GLY A 36 -4.73 -24.16 5.96
CA GLY A 36 -5.27 -24.77 4.74
C GLY A 36 -6.75 -25.16 4.83
N TYR A 37 -7.37 -24.84 5.97
CA TYR A 37 -8.76 -25.16 6.24
C TYR A 37 -9.79 -24.56 5.28
N LEU A 38 -9.53 -23.37 4.76
CA LEU A 38 -10.47 -22.67 3.90
C LEU A 38 -10.73 -23.16 2.48
N ARG A 39 -9.68 -23.49 1.72
CA ARG A 39 -9.90 -23.94 0.34
C ARG A 39 -11.00 -24.99 0.15
N PRO A 40 -11.03 -26.02 0.99
CA PRO A 40 -12.07 -27.05 0.83
C PRO A 40 -13.49 -26.63 1.17
N LEU A 41 -13.65 -25.51 1.87
CA LEU A 41 -15.00 -25.01 2.26
C LEU A 41 -15.59 -24.06 1.22
N ILE A 42 -14.85 -23.81 0.16
CA ILE A 42 -15.25 -22.88 -0.90
C ILE A 42 -15.17 -23.54 -2.27
N PRO A 43 -16.03 -23.13 -3.22
CA PRO A 43 -15.98 -23.73 -4.56
C PRO A 43 -14.63 -23.50 -5.23
N ALA A 44 -14.34 -24.27 -6.26
CA ALA A 44 -13.06 -24.17 -6.96
C ALA A 44 -13.06 -23.12 -8.03
N THR A 45 -14.26 -22.62 -8.31
CA THR A 45 -14.42 -21.64 -9.37
C THR A 45 -15.37 -20.52 -8.97
N ALA A 46 -15.13 -19.34 -9.52
CA ALA A 46 -15.99 -18.21 -9.26
C ALA A 46 -17.34 -18.59 -9.83
N PRO A 47 -18.44 -18.11 -9.23
CA PRO A 47 -19.75 -18.45 -9.76
C PRO A 47 -20.00 -17.78 -11.10
N GLN A 48 -20.72 -18.47 -11.99
CA GLN A 48 -21.06 -17.92 -13.29
C GLN A 48 -22.18 -16.89 -13.14
N GLU A 49 -23.16 -17.21 -12.30
CA GLU A 49 -24.29 -16.34 -12.05
C GLU A 49 -24.17 -15.78 -10.65
N PRO A 50 -24.73 -14.58 -10.42
CA PRO A 50 -24.70 -13.92 -9.12
C PRO A 50 -25.05 -14.81 -7.94
N ASP A 51 -24.61 -14.40 -6.75
CA ASP A 51 -24.88 -15.09 -5.50
C ASP A 51 -25.62 -14.05 -4.66
N THR A 52 -26.29 -14.51 -3.63
CA THR A 52 -27.05 -13.62 -2.77
C THR A 52 -26.24 -12.96 -1.68
N PHE A 53 -26.46 -11.67 -1.49
CA PHE A 53 -25.76 -10.93 -0.43
C PHE A 53 -25.96 -11.72 0.86
N GLU A 54 -27.21 -12.13 1.09
CA GLU A 54 -27.57 -12.88 2.28
C GLU A 54 -26.69 -14.11 2.40
N ASP A 55 -26.48 -14.82 1.28
CA ASP A 55 -25.66 -16.03 1.24
C ASP A 55 -24.19 -15.73 1.53
N ILE A 56 -23.68 -14.65 0.93
CA ILE A 56 -22.31 -14.23 1.13
C ILE A 56 -22.07 -13.84 2.58
N LEU A 57 -23.06 -13.20 3.19
CA LEU A 57 -22.92 -12.73 4.55
C LEU A 57 -22.91 -13.88 5.56
N GLN A 58 -23.65 -14.94 5.28
CA GLN A 58 -23.62 -16.03 6.23
C GLN A 58 -22.34 -16.84 6.03
N ASP A 59 -21.82 -16.82 4.81
CA ASP A 59 -20.57 -17.51 4.55
C ASP A 59 -19.51 -16.80 5.38
N VAL A 60 -19.66 -15.48 5.52
CA VAL A 60 -18.74 -14.72 6.33
C VAL A 60 -18.74 -15.27 7.77
N GLU A 61 -19.93 -15.44 8.36
CA GLU A 61 -20.04 -15.97 9.74
C GLU A 61 -19.56 -17.40 9.88
N LYS A 62 -20.06 -18.26 9.01
CA LYS A 62 -19.76 -19.66 9.06
C LYS A 62 -18.39 -20.13 8.56
N ILE A 63 -17.83 -19.45 7.56
CA ILE A 63 -16.54 -19.84 7.01
C ILE A 63 -15.32 -18.93 7.26
N ILE A 64 -15.50 -17.61 7.16
CA ILE A 64 -14.42 -16.66 7.37
C ILE A 64 -14.09 -16.49 8.85
N MET A 65 -15.10 -16.15 9.64
CA MET A 65 -14.90 -15.93 11.07
C MET A 65 -14.10 -17.02 11.81
N PRO A 66 -14.31 -18.29 11.47
CA PRO A 66 -13.55 -19.30 12.18
C PRO A 66 -12.04 -19.17 11.93
N GLY A 67 -11.69 -18.44 10.90
CA GLY A 67 -10.28 -18.25 10.59
C GLY A 67 -9.79 -16.84 10.89
N VAL A 68 -10.52 -16.12 11.72
CA VAL A 68 -10.17 -14.75 12.08
C VAL A 68 -9.56 -14.67 13.49
N THR A 69 -8.53 -13.85 13.64
CA THR A 69 -7.90 -13.65 14.94
C THR A 69 -8.44 -12.27 15.31
N HIS A 70 -9.25 -12.19 16.35
CA HIS A 70 -9.86 -10.91 16.72
C HIS A 70 -9.05 -9.86 17.45
N TRP A 71 -8.38 -9.04 16.65
CA TRP A 71 -7.55 -7.95 17.15
C TRP A 71 -8.33 -6.97 18.00
N HIS A 72 -9.64 -6.95 17.86
CA HIS A 72 -10.40 -5.99 18.62
C HIS A 72 -11.19 -6.50 19.83
N SER A 73 -10.86 -7.71 20.27
CA SER A 73 -11.48 -8.27 21.45
C SER A 73 -10.68 -7.66 22.57
N PRO A 74 -11.33 -7.28 23.66
CA PRO A 74 -10.50 -6.69 24.70
C PRO A 74 -9.52 -7.69 25.27
N TYR A 75 -9.63 -8.95 24.84
CA TYR A 75 -8.75 -10.00 25.34
C TYR A 75 -7.60 -10.32 24.41
N PHE A 76 -7.40 -9.45 23.42
CA PHE A 76 -6.30 -9.59 22.47
C PHE A 76 -5.15 -8.77 23.09
N PHE A 77 -4.12 -9.44 23.58
CA PHE A 77 -2.99 -8.73 24.20
C PHE A 77 -1.68 -9.01 23.48
N ALA A 78 -1.78 -9.29 22.18
CA ALA A 78 -0.61 -9.62 21.39
C ALA A 78 0.03 -8.46 20.63
N TYR A 79 1.24 -8.67 20.16
CA TYR A 79 1.98 -7.66 19.39
C TYR A 79 1.74 -6.26 19.96
N PHE A 80 1.26 -5.35 19.12
CA PHE A 80 0.93 -3.97 19.49
C PHE A 80 -0.49 -3.76 18.99
N PRO A 81 -1.18 -2.72 19.46
CA PRO A 81 -2.54 -2.56 18.93
C PRO A 81 -2.62 -2.14 17.47
N THR A 82 -3.68 -2.55 16.78
CA THR A 82 -3.89 -2.10 15.41
C THR A 82 -5.11 -1.19 15.59
N ALA A 83 -5.16 -0.08 14.88
CA ALA A 83 -6.25 0.86 15.04
C ALA A 83 -7.56 0.48 14.37
N SER A 84 -8.66 0.94 14.97
CA SER A 84 -10.02 0.70 14.48
C SER A 84 -10.97 1.63 15.23
N SER A 85 -11.55 2.58 14.52
CA SER A 85 -12.48 3.51 15.15
C SER A 85 -13.60 3.81 14.17
N TYR A 86 -14.78 4.09 14.70
CA TYR A 86 -15.91 4.39 13.83
C TYR A 86 -15.67 5.60 12.92
N PRO A 87 -15.00 6.64 13.44
CA PRO A 87 -14.76 7.80 12.57
C PRO A 87 -13.94 7.45 11.32
N ALA A 88 -12.91 6.63 11.48
CA ALA A 88 -12.08 6.25 10.34
C ALA A 88 -12.92 5.38 9.39
N MET A 89 -13.73 4.51 9.96
CA MET A 89 -14.54 3.65 9.14
C MET A 89 -15.51 4.47 8.27
N LEU A 90 -16.15 5.46 8.88
CA LEU A 90 -17.06 6.30 8.14
C LEU A 90 -16.26 6.94 7.01
N ALA A 91 -15.10 7.48 7.36
CA ALA A 91 -14.23 8.13 6.40
C ALA A 91 -13.82 7.17 5.29
N ASP A 92 -13.49 5.95 5.66
CA ASP A 92 -13.06 5.01 4.64
C ASP A 92 -14.19 4.79 3.62
N MET A 93 -15.41 4.68 4.12
CA MET A 93 -16.57 4.49 3.24
C MET A 93 -16.62 5.64 2.23
N LEU A 94 -16.47 6.85 2.72
CA LEU A 94 -16.50 8.02 1.84
C LEU A 94 -15.38 7.92 0.80
N CYS A 95 -14.15 7.68 1.29
CA CYS A 95 -12.98 7.55 0.43
C CYS A 95 -13.27 6.63 -0.75
N GLY A 96 -13.88 5.49 -0.46
CA GLY A 96 -14.22 4.53 -1.48
C GLY A 96 -15.29 5.02 -2.44
N ALA A 97 -16.23 5.82 -1.94
CA ALA A 97 -17.31 6.36 -2.77
C ALA A 97 -16.76 7.39 -3.77
N ILE A 98 -16.00 8.36 -3.28
CA ILE A 98 -15.40 9.37 -4.14
C ILE A 98 -14.50 8.62 -5.12
N GLY A 99 -13.83 7.60 -4.61
CA GLY A 99 -12.96 6.76 -5.41
C GLY A 99 -12.01 7.36 -6.42
N CYS A 100 -11.19 8.31 -5.97
CA CYS A 100 -10.21 8.93 -6.85
C CYS A 100 -8.83 8.31 -6.58
N ILE A 101 -7.92 8.46 -7.54
CA ILE A 101 -6.55 7.96 -7.43
C ILE A 101 -5.64 9.18 -7.49
N GLY A 102 -5.14 9.61 -6.34
CA GLY A 102 -4.30 10.80 -6.29
C GLY A 102 -2.85 10.68 -6.77
N PHE A 103 -2.62 10.07 -7.91
CA PHE A 103 -1.26 9.93 -8.42
C PHE A 103 -0.68 11.27 -8.88
N SER A 104 -1.56 12.25 -9.07
CA SER A 104 -1.16 13.59 -9.50
C SER A 104 -2.11 14.59 -8.88
N TRP A 105 -1.70 15.85 -8.80
CA TRP A 105 -2.57 16.86 -8.22
C TRP A 105 -3.87 16.95 -9.01
N ALA A 106 -3.76 16.95 -10.35
CA ALA A 106 -4.94 17.06 -11.21
C ALA A 106 -5.91 15.91 -11.06
N ALA A 107 -5.43 14.75 -10.66
CA ALA A 107 -6.30 13.59 -10.48
C ALA A 107 -7.31 13.83 -9.35
N SER A 108 -7.08 14.87 -8.56
CA SER A 108 -7.93 15.28 -7.43
C SER A 108 -7.17 16.13 -6.42
N PRO A 109 -7.11 17.46 -6.64
CA PRO A 109 -6.40 18.37 -5.74
C PRO A 109 -6.59 18.10 -4.24
N ALA A 110 -7.83 17.83 -3.84
CA ALA A 110 -8.15 17.61 -2.43
C ALA A 110 -7.50 16.36 -1.85
N CYS A 111 -7.40 15.30 -2.65
CA CYS A 111 -6.79 14.07 -2.17
C CYS A 111 -5.38 14.43 -1.70
N THR A 112 -4.72 15.30 -2.46
CA THR A 112 -3.36 15.71 -2.11
C THR A 112 -3.30 16.78 -1.02
N GLU A 113 -4.10 17.84 -1.18
CA GLU A 113 -4.05 18.95 -0.24
C GLU A 113 -4.54 18.69 1.18
N LEU A 114 -5.52 17.81 1.34
CA LEU A 114 -5.99 17.50 2.69
C LEU A 114 -4.88 16.77 3.44
N GLU A 115 -4.14 15.93 2.72
CA GLU A 115 -3.04 15.16 3.33
C GLU A 115 -1.97 16.06 3.93
N THR A 116 -1.48 17.02 3.15
CA THR A 116 -0.47 17.93 3.61
C THR A 116 -0.96 18.66 4.85
N VAL A 117 -2.18 19.18 4.79
CA VAL A 117 -2.74 19.90 5.93
C VAL A 117 -2.89 19.00 7.16
N MET A 118 -3.40 17.78 6.97
CA MET A 118 -3.54 16.87 8.12
C MET A 118 -2.17 16.52 8.72
N MET A 119 -1.16 16.32 7.88
CA MET A 119 0.16 15.99 8.39
C MET A 119 0.67 17.16 9.21
N ASP A 120 0.22 18.38 8.87
CA ASP A 120 0.64 19.54 9.64
C ASP A 120 -0.09 19.52 10.99
N TRP A 121 -1.38 19.19 10.99
CA TRP A 121 -2.13 19.11 12.25
C TRP A 121 -1.39 18.14 13.17
N LEU A 122 -1.21 16.92 12.69
CA LEU A 122 -0.55 15.89 13.46
C LEU A 122 0.85 16.35 13.86
N GLY A 123 1.54 17.00 12.92
CA GLY A 123 2.88 17.48 13.22
C GLY A 123 2.83 18.38 14.43
N LYS A 124 1.86 19.29 14.45
CA LYS A 124 1.70 20.20 15.57
C LYS A 124 1.26 19.49 16.85
N MET A 125 0.37 18.51 16.74
CA MET A 125 -0.06 17.77 17.94
C MET A 125 1.16 17.13 18.62
N LEU A 126 2.10 16.63 17.81
CA LEU A 126 3.32 16.00 18.31
C LEU A 126 4.34 17.07 18.77
N GLN A 127 4.07 18.32 18.42
CA GLN A 127 4.98 19.41 18.75
C GLN A 127 6.32 19.16 18.12
N LEU A 128 6.31 18.82 16.85
CA LEU A 128 7.51 18.58 16.08
C LEU A 128 8.10 19.93 15.76
N PRO A 129 9.40 19.95 15.47
CA PRO A 129 10.03 21.23 15.13
C PRO A 129 9.41 21.74 13.81
N GLU A 130 9.24 23.04 13.72
CA GLU A 130 8.66 23.68 12.54
C GLU A 130 9.30 23.21 11.24
N ALA A 131 10.55 22.75 11.30
CA ALA A 131 11.29 22.28 10.12
C ALA A 131 10.58 21.16 9.36
N PHE A 132 9.74 20.40 10.05
CA PHE A 132 9.00 19.30 9.45
C PHE A 132 7.66 19.71 8.84
N LEU A 133 7.16 20.88 9.25
CA LEU A 133 5.89 21.38 8.76
C LEU A 133 5.93 21.99 7.37
N ALA A 134 4.91 21.69 6.57
CA ALA A 134 4.86 22.22 5.21
C ALA A 134 4.56 23.70 5.24
N GLY A 135 3.49 24.06 5.94
CA GLY A 135 3.08 25.45 6.00
C GLY A 135 2.97 26.03 4.60
N GLU A 136 3.30 27.32 4.47
CA GLU A 136 3.24 28.00 3.19
C GLU A 136 4.61 28.22 2.60
N ALA A 137 5.66 28.01 3.39
CA ALA A 137 7.00 28.24 2.89
C ALA A 137 8.11 27.43 3.56
N GLY A 138 7.79 26.22 4.01
CA GLY A 138 8.80 25.39 4.63
C GLY A 138 9.32 24.36 3.63
N GLU A 139 10.61 24.03 3.68
CA GLU A 139 11.17 23.04 2.76
C GLU A 139 10.79 21.62 3.16
N GLY A 140 10.16 21.49 4.32
CA GLY A 140 9.75 20.19 4.79
C GLY A 140 8.28 19.87 4.56
N GLY A 141 7.80 18.83 5.22
CA GLY A 141 6.42 18.42 5.05
C GLY A 141 6.26 16.98 5.46
N GLY A 142 5.02 16.50 5.38
CA GLY A 142 4.74 15.14 5.76
C GLY A 142 3.93 14.42 4.71
N VAL A 143 4.00 13.10 4.71
CA VAL A 143 3.24 12.30 3.75
C VAL A 143 2.78 11.01 4.41
N ILE A 144 1.65 10.50 3.93
CA ILE A 144 1.13 9.26 4.46
C ILE A 144 1.77 8.14 3.67
N GLN A 145 2.38 7.19 4.37
CA GLN A 145 3.01 6.02 3.73
C GLN A 145 2.09 4.84 4.01
N GLY A 146 2.29 3.74 3.30
CA GLY A 146 1.46 2.56 3.51
C GLY A 146 1.72 1.90 4.85
N SER A 147 2.96 1.98 5.32
CA SER A 147 3.31 1.36 6.59
C SER A 147 4.68 1.85 7.08
N ALA A 148 5.00 1.54 8.33
CA ALA A 148 6.28 1.97 8.86
C ALA A 148 7.42 1.27 8.12
N SER A 149 7.20 0.03 7.69
CA SER A 149 8.24 -0.71 6.97
C SER A 149 8.53 -0.04 5.64
N GLU A 150 7.51 0.56 5.03
CA GLU A 150 7.72 1.23 3.76
C GLU A 150 8.39 2.58 4.05
N ALA A 151 7.95 3.26 5.10
CA ALA A 151 8.54 4.54 5.45
C ALA A 151 10.05 4.36 5.64
N THR A 152 10.45 3.33 6.38
CA THR A 152 11.86 3.07 6.62
C THR A 152 12.62 2.83 5.31
N LEU A 153 12.05 2.01 4.44
CA LEU A 153 12.67 1.71 3.15
C LEU A 153 12.83 2.98 2.29
N VAL A 154 11.80 3.82 2.30
CA VAL A 154 11.83 5.07 1.55
C VAL A 154 12.97 5.97 2.06
N ALA A 155 13.10 6.07 3.38
CA ALA A 155 14.16 6.88 3.96
C ALA A 155 15.55 6.36 3.52
N LEU A 156 15.75 5.06 3.66
CA LEU A 156 17.02 4.45 3.27
C LEU A 156 17.33 4.69 1.79
N LEU A 157 16.33 4.58 0.92
CA LEU A 157 16.57 4.82 -0.50
C LEU A 157 16.93 6.29 -0.71
N ALA A 158 16.30 7.18 0.04
CA ALA A 158 16.60 8.59 -0.11
C ALA A 158 18.02 8.84 0.35
N ALA A 159 18.39 8.21 1.47
CA ALA A 159 19.74 8.34 2.01
C ALA A 159 20.73 7.78 0.99
N ARG A 160 20.51 6.56 0.55
CA ARG A 160 21.40 5.92 -0.41
C ARG A 160 21.68 6.84 -1.61
N THR A 161 20.61 7.37 -2.21
CA THR A 161 20.76 8.23 -3.36
C THR A 161 21.53 9.51 -3.04
N LYS A 162 21.24 10.11 -1.90
CA LYS A 162 21.93 11.33 -1.53
C LYS A 162 23.46 11.14 -1.35
N VAL A 163 23.87 10.03 -0.73
CA VAL A 163 25.28 9.79 -0.51
C VAL A 163 26.00 9.38 -1.79
N VAL A 164 25.28 8.73 -2.70
CA VAL A 164 25.90 8.34 -3.97
C VAL A 164 26.15 9.58 -4.81
N ARG A 165 25.24 10.55 -4.74
CA ARG A 165 25.39 11.79 -5.47
C ARG A 165 26.57 12.60 -4.95
N ARG A 166 26.62 12.79 -3.63
CA ARG A 166 27.70 13.55 -3.03
C ARG A 166 29.04 12.94 -3.39
N LEU A 167 29.14 11.62 -3.28
CA LEU A 167 30.39 10.94 -3.60
C LEU A 167 30.82 10.99 -5.07
N GLN A 168 29.87 10.89 -6.00
CA GLN A 168 30.17 10.92 -7.44
C GLN A 168 30.45 12.35 -7.92
N ALA A 169 29.82 13.31 -7.29
CA ALA A 169 30.02 14.70 -7.67
C ALA A 169 31.31 15.25 -7.04
N ALA A 170 32.12 14.33 -6.47
CA ALA A 170 33.39 14.70 -5.85
C ALA A 170 34.47 13.77 -6.36
N SER A 171 34.06 12.73 -7.07
CA SER A 171 35.00 11.77 -7.60
C SER A 171 34.52 11.30 -8.97
N PRO A 172 34.90 12.02 -10.02
CA PRO A 172 34.51 11.68 -11.39
C PRO A 172 34.40 10.19 -11.76
N GLY A 173 35.52 9.47 -11.81
CA GLY A 173 35.44 8.06 -12.19
C GLY A 173 34.44 7.18 -11.46
N LEU A 174 34.20 7.54 -10.20
CA LEU A 174 33.30 6.82 -9.30
C LEU A 174 31.96 6.30 -9.84
N THR A 175 31.75 5.01 -9.63
CA THR A 175 30.54 4.34 -10.07
C THR A 175 29.64 4.06 -8.87
N GLN A 176 28.33 3.93 -9.10
CA GLN A 176 27.42 3.66 -8.01
C GLN A 176 27.70 2.30 -7.40
N GLY A 177 27.89 1.31 -8.26
CA GLY A 177 28.16 -0.02 -7.78
C GLY A 177 29.31 0.00 -6.78
N ALA A 178 30.27 0.89 -7.05
CA ALA A 178 31.43 1.03 -6.18
C ALA A 178 31.02 1.52 -4.81
N VAL A 179 30.19 2.55 -4.78
CA VAL A 179 29.73 3.14 -3.53
C VAL A 179 28.88 2.19 -2.69
N LEU A 180 28.01 1.41 -3.32
CA LEU A 180 27.18 0.48 -2.57
C LEU A 180 27.99 -0.52 -1.78
N GLU A 181 29.03 -1.08 -2.40
CA GLU A 181 29.87 -2.06 -1.74
C GLU A 181 30.33 -1.65 -0.35
N LYS A 182 30.61 -0.37 -0.17
CA LYS A 182 31.10 0.11 1.13
C LYS A 182 30.06 0.79 2.03
N LEU A 183 28.82 0.88 1.56
CA LEU A 183 27.75 1.53 2.33
C LEU A 183 27.29 0.67 3.49
N VAL A 184 27.20 1.26 4.67
CA VAL A 184 26.77 0.54 5.86
C VAL A 184 25.67 1.32 6.55
N ALA A 185 24.69 0.59 7.08
CA ALA A 185 23.57 1.19 7.81
C ALA A 185 23.49 0.57 9.21
N TYR A 186 22.99 1.33 10.18
CA TYR A 186 22.89 0.84 11.53
C TYR A 186 21.50 0.92 12.16
N ALA A 187 21.27 0.07 13.14
CA ALA A 187 20.01 0.01 13.88
C ALA A 187 20.30 -0.68 15.21
N SER A 188 19.49 -0.42 16.24
CA SER A 188 19.66 -1.06 17.54
C SER A 188 19.49 -2.56 17.37
N ASP A 189 20.05 -3.34 18.28
CA ASP A 189 19.87 -4.78 18.17
C ASP A 189 18.41 -5.09 18.55
N GLN A 190 17.68 -4.06 18.98
CA GLN A 190 16.26 -4.22 19.32
C GLN A 190 15.36 -3.75 18.15
N ALA A 191 15.96 -3.27 17.07
CA ALA A 191 15.23 -2.75 15.92
C ALA A 191 14.31 -3.76 15.26
N HIS A 192 13.24 -3.24 14.67
CA HIS A 192 12.24 -4.05 13.97
C HIS A 192 12.84 -4.69 12.71
N SER A 193 12.28 -5.80 12.27
CA SER A 193 12.82 -6.47 11.09
C SER A 193 12.69 -5.66 9.80
N SER A 194 11.77 -4.69 9.78
CA SER A 194 11.58 -3.85 8.60
C SER A 194 12.90 -3.20 8.15
N VAL A 195 13.83 -3.03 9.10
CA VAL A 195 15.11 -2.42 8.80
C VAL A 195 15.99 -3.37 7.95
N GLU A 196 16.01 -4.64 8.32
CA GLU A 196 16.79 -5.60 7.54
C GLU A 196 16.22 -5.68 6.14
N ARG A 197 14.91 -5.75 6.01
CA ARG A 197 14.29 -5.82 4.69
C ARG A 197 14.75 -4.61 3.90
N ALA A 198 14.71 -3.45 4.53
CA ALA A 198 15.13 -2.24 3.86
C ALA A 198 16.56 -2.37 3.34
N GLY A 199 17.48 -2.75 4.21
CA GLY A 199 18.86 -2.88 3.76
C GLY A 199 19.00 -3.91 2.67
N LEU A 200 18.22 -4.97 2.78
CA LEU A 200 18.26 -6.03 1.81
C LEU A 200 17.84 -5.50 0.44
N ILE A 201 16.70 -4.82 0.39
CA ILE A 201 16.18 -4.29 -0.85
C ILE A 201 17.13 -3.22 -1.40
N GLY A 202 17.55 -2.31 -0.53
CA GLY A 202 18.44 -1.24 -0.94
C GLY A 202 19.80 -1.72 -1.37
N GLY A 203 20.11 -2.97 -1.04
CA GLY A 203 21.38 -3.55 -1.41
C GLY A 203 22.58 -3.03 -0.66
N VAL A 204 22.41 -2.70 0.63
CA VAL A 204 23.55 -2.23 1.42
C VAL A 204 23.71 -3.13 2.62
N LYS A 205 24.76 -2.89 3.39
CA LYS A 205 25.06 -3.67 4.58
C LYS A 205 24.38 -3.08 5.82
N LEU A 206 23.93 -3.93 6.73
CA LEU A 206 23.29 -3.45 7.95
C LEU A 206 23.96 -4.04 9.19
N LYS A 207 24.32 -3.20 10.15
CA LYS A 207 24.95 -3.66 11.37
C LYS A 207 24.14 -3.28 12.59
N ALA A 208 24.16 -4.14 13.60
CA ALA A 208 23.41 -3.86 14.81
C ALA A 208 24.30 -3.18 15.79
N ILE A 209 23.72 -2.27 16.56
CA ILE A 209 24.45 -1.54 17.57
C ILE A 209 23.99 -2.13 18.89
N PRO A 210 24.91 -2.77 19.62
CA PRO A 210 24.57 -3.37 20.92
C PRO A 210 23.83 -2.36 21.79
N SER A 211 22.77 -2.79 22.46
CA SER A 211 22.02 -1.88 23.30
C SER A 211 22.47 -1.96 24.76
N ASP A 212 22.11 -0.97 25.56
CA ASP A 212 22.52 -0.92 26.94
C ASP A 212 21.61 -1.72 27.88
N GLY A 213 21.74 -1.46 29.18
CA GLY A 213 20.94 -2.14 30.17
C GLY A 213 19.46 -1.90 30.04
N LYS A 214 19.08 -0.70 29.62
CA LYS A 214 17.67 -0.37 29.43
C LYS A 214 17.24 -0.62 27.97
N PHE A 215 18.03 -1.43 27.28
CA PHE A 215 17.79 -1.81 25.88
C PHE A 215 17.70 -0.64 24.92
N ALA A 216 18.56 0.35 25.12
CA ALA A 216 18.57 1.56 24.31
C ALA A 216 19.88 1.70 23.57
N MET A 217 19.84 2.37 22.42
CA MET A 217 21.04 2.60 21.64
C MET A 217 21.67 3.83 22.23
N ARG A 218 22.96 3.73 22.57
CA ARG A 218 23.69 4.85 23.16
C ARG A 218 24.84 5.38 22.29
N ALA A 219 25.14 6.67 22.49
CA ALA A 219 26.17 7.37 21.75
C ALA A 219 27.46 6.57 21.66
N SER A 220 27.85 6.03 22.80
CA SER A 220 29.06 5.25 22.92
C SER A 220 29.14 4.10 21.91
N ALA A 221 28.19 3.17 21.98
CA ALA A 221 28.20 2.02 21.07
C ALA A 221 28.16 2.44 19.61
N LEU A 222 27.31 3.39 19.29
CA LEU A 222 27.20 3.87 17.92
C LEU A 222 28.57 4.41 17.42
N GLN A 223 29.16 5.33 18.18
CA GLN A 223 30.45 5.92 17.81
C GLN A 223 31.51 4.85 17.57
N GLU A 224 31.53 3.84 18.44
CA GLU A 224 32.48 2.75 18.31
C GLU A 224 32.31 2.07 16.96
N ALA A 225 31.07 1.68 16.65
CA ALA A 225 30.76 1.00 15.40
C ALA A 225 31.20 1.82 14.19
N LEU A 226 30.90 3.12 14.23
CA LEU A 226 31.25 4.03 13.15
C LEU A 226 32.74 4.07 12.88
N GLU A 227 33.51 4.32 13.93
CA GLU A 227 34.97 4.39 13.83
C GLU A 227 35.49 3.07 13.28
N ARG A 228 35.08 1.98 13.91
CA ARG A 228 35.50 0.65 13.48
C ARG A 228 35.28 0.48 11.99
N ASP A 229 34.11 0.90 11.50
CA ASP A 229 33.80 0.74 10.09
C ASP A 229 34.45 1.74 9.14
N LYS A 230 34.55 3.01 9.54
CA LYS A 230 35.20 3.98 8.68
C LYS A 230 36.65 3.50 8.50
N ALA A 231 37.28 3.17 9.62
CA ALA A 231 38.64 2.69 9.65
C ALA A 231 38.85 1.47 8.76
N ALA A 232 37.79 0.70 8.54
CA ALA A 232 37.90 -0.49 7.70
C ALA A 232 37.62 -0.20 6.21
N GLY A 233 37.40 1.07 5.89
CA GLY A 233 37.13 1.44 4.51
C GLY A 233 35.64 1.51 4.15
N LEU A 234 34.78 1.29 5.14
CA LEU A 234 33.34 1.34 4.92
C LEU A 234 32.80 2.76 5.00
N ILE A 235 31.57 2.94 4.53
CA ILE A 235 30.94 4.25 4.51
C ILE A 235 29.56 4.28 5.17
N PRO A 236 29.51 4.70 6.44
CA PRO A 236 28.23 4.77 7.17
C PRO A 236 27.35 5.77 6.42
N PHE A 237 26.03 5.55 6.37
CA PHE A 237 25.20 6.52 5.66
C PHE A 237 23.79 6.59 6.16
N PHE A 238 23.36 5.59 6.92
CA PHE A 238 21.98 5.54 7.40
C PHE A 238 21.91 4.96 8.80
N VAL A 239 21.14 5.59 9.68
CA VAL A 239 20.98 5.11 11.03
C VAL A 239 19.52 5.21 11.42
N VAL A 240 18.96 4.10 11.90
CA VAL A 240 17.57 4.11 12.32
C VAL A 240 17.62 4.06 13.82
N ALA A 241 16.95 5.02 14.44
CA ALA A 241 16.87 5.10 15.90
C ALA A 241 15.42 4.69 16.20
N THR A 242 15.23 3.78 17.14
CA THR A 242 13.90 3.32 17.46
C THR A 242 13.38 3.84 18.78
N LEU A 243 12.12 4.27 18.75
CA LEU A 243 11.42 4.79 19.91
C LEU A 243 10.21 3.90 20.17
N GLY A 244 10.38 2.93 21.07
CA GLY A 244 9.31 2.00 21.40
C GLY A 244 9.55 0.67 20.73
N THR A 245 10.72 0.06 20.97
CA THR A 245 11.03 -1.22 20.35
C THR A 245 9.89 -2.22 20.55
N THR A 246 9.75 -3.15 19.61
CA THR A 246 8.69 -4.14 19.68
C THR A 246 8.88 -5.17 20.80
N SER A 247 10.12 -5.40 21.18
CA SER A 247 10.40 -6.36 22.25
C SER A 247 9.82 -5.91 23.61
N CYS A 248 10.39 -4.85 24.18
CA CYS A 248 9.97 -4.35 25.49
C CYS A 248 9.56 -2.87 25.49
N CYS A 249 9.47 -2.29 24.30
CA CYS A 249 9.10 -0.90 24.14
C CYS A 249 10.09 0.03 24.83
N SER A 250 11.37 -0.15 24.52
CA SER A 250 12.41 0.70 25.09
C SER A 250 12.65 1.86 24.12
N PHE A 251 13.57 2.77 24.44
CA PHE A 251 13.82 3.91 23.58
C PHE A 251 15.28 4.28 23.33
N ASP A 252 15.70 4.30 22.07
CA ASP A 252 17.07 4.71 21.78
C ASP A 252 17.25 6.14 22.27
N ASN A 253 18.47 6.52 22.62
CA ASN A 253 18.76 7.88 23.10
C ASN A 253 18.92 8.85 21.93
N LEU A 254 17.86 9.60 21.66
CA LEU A 254 17.87 10.53 20.54
C LEU A 254 18.79 11.75 20.74
N LEU A 255 18.92 12.23 21.97
CA LEU A 255 19.78 13.38 22.21
C LEU A 255 21.24 13.00 22.04
N GLU A 256 21.56 11.72 22.14
CA GLU A 256 22.94 11.24 21.97
C GLU A 256 23.22 10.86 20.50
N VAL A 257 22.22 10.25 19.85
CA VAL A 257 22.34 9.82 18.47
C VAL A 257 22.25 10.93 17.44
N GLY A 258 21.31 11.84 17.63
CA GLY A 258 21.15 12.96 16.71
C GLY A 258 22.46 13.67 16.43
N PRO A 259 23.10 14.26 17.46
CA PRO A 259 24.39 14.96 17.30
C PRO A 259 25.44 14.15 16.54
N ILE A 260 25.50 12.85 16.82
CA ILE A 260 26.48 12.00 16.16
C ILE A 260 26.21 11.90 14.66
N CYS A 261 24.96 11.63 14.29
CA CYS A 261 24.61 11.49 12.87
C CYS A 261 24.80 12.81 12.15
N HIS A 262 24.64 13.92 12.88
CA HIS A 262 24.81 15.25 12.32
C HIS A 262 26.27 15.50 12.02
N GLU A 263 27.11 15.44 13.04
CA GLU A 263 28.53 15.67 12.83
C GLU A 263 29.12 14.70 11.82
N GLU A 264 28.73 13.44 11.91
CA GLU A 264 29.24 12.41 11.00
C GLU A 264 28.59 12.52 9.64
N ASP A 265 27.56 13.36 9.54
CA ASP A 265 26.81 13.54 8.30
C ASP A 265 26.15 12.25 7.81
N ILE A 266 25.39 11.61 8.70
CA ILE A 266 24.67 10.38 8.41
C ILE A 266 23.17 10.68 8.43
N TRP A 267 22.43 10.10 7.49
CA TRP A 267 20.98 10.29 7.45
C TRP A 267 20.40 9.60 8.68
N LEU A 268 19.70 10.34 9.51
CA LEU A 268 19.11 9.78 10.71
C LEU A 268 17.59 9.63 10.55
N HIS A 269 17.12 8.38 10.52
CA HIS A 269 15.68 8.11 10.41
C HIS A 269 15.18 7.64 11.77
N VAL A 270 14.07 8.19 12.22
CA VAL A 270 13.50 7.80 13.51
C VAL A 270 12.25 6.94 13.32
N ASP A 271 12.30 5.69 13.77
CA ASP A 271 11.15 4.78 13.67
C ASP A 271 10.49 4.69 15.04
N ALA A 272 9.35 5.36 15.19
CA ALA A 272 8.58 5.34 16.44
C ALA A 272 7.18 4.81 16.13
N ALA A 273 7.11 3.80 15.27
CA ALA A 273 5.84 3.24 14.83
C ALA A 273 4.72 3.16 15.84
N TYR A 274 5.03 2.60 17.01
CA TYR A 274 4.07 2.42 18.06
C TYR A 274 4.01 3.57 19.05
N ALA A 275 5.14 3.83 19.72
CA ALA A 275 5.20 4.87 20.74
C ALA A 275 4.87 6.29 20.28
N GLY A 276 5.07 6.56 18.99
CA GLY A 276 4.80 7.88 18.47
C GLY A 276 3.46 8.50 18.85
N SER A 277 2.39 7.73 18.85
CA SER A 277 1.08 8.27 19.18
C SER A 277 1.07 8.94 20.55
N ALA A 278 1.79 8.36 21.50
CA ALA A 278 1.84 8.91 22.85
C ALA A 278 2.42 10.34 22.92
N PHE A 279 3.29 10.69 22.00
CA PHE A 279 3.92 12.00 21.99
C PHE A 279 2.98 13.18 21.84
N ILE A 280 1.68 12.94 21.63
CA ILE A 280 0.74 14.05 21.54
C ILE A 280 0.39 14.44 22.97
N CYS A 281 0.93 13.69 23.93
CA CYS A 281 0.71 13.94 25.35
C CYS A 281 1.99 14.54 25.96
N PRO A 282 1.88 15.74 26.54
CA PRO A 282 3.02 16.42 27.16
C PRO A 282 3.90 15.53 28.01
N GLU A 283 3.28 14.71 28.85
CA GLU A 283 4.03 13.80 29.74
C GLU A 283 5.11 12.99 29.02
N PHE A 284 4.80 12.53 27.81
CA PHE A 284 5.74 11.70 27.05
C PHE A 284 6.56 12.43 26.03
N ARG A 285 6.12 13.61 25.62
CA ARG A 285 6.83 14.35 24.59
C ARG A 285 8.35 14.41 24.74
N HIS A 286 8.85 14.30 25.96
CA HIS A 286 10.30 14.36 26.14
C HIS A 286 10.96 13.18 25.41
N LEU A 287 10.27 12.05 25.39
CA LEU A 287 10.82 10.87 24.74
C LEU A 287 11.20 11.17 23.30
N LEU A 288 10.63 12.22 22.73
CA LEU A 288 10.93 12.56 21.35
C LEU A 288 11.99 13.66 21.19
N ASN A 289 12.46 14.21 22.31
CA ASN A 289 13.47 15.26 22.29
C ASN A 289 14.66 14.74 21.52
N GLY A 290 15.01 15.43 20.44
CA GLY A 290 16.12 15.02 19.60
C GLY A 290 15.70 14.95 18.14
N VAL A 291 14.39 14.92 17.87
CA VAL A 291 13.91 14.85 16.49
C VAL A 291 14.57 15.96 15.72
N GLU A 292 14.77 17.06 16.44
CA GLU A 292 15.43 18.24 15.90
C GLU A 292 16.52 17.79 14.93
N PHE A 293 17.25 16.74 15.31
CA PHE A 293 18.36 16.20 14.50
C PHE A 293 17.99 15.25 13.39
N ALA A 294 16.78 14.71 13.43
CA ALA A 294 16.37 13.73 12.43
C ALA A 294 16.10 14.27 11.03
N ASP A 295 16.48 13.48 10.03
CA ASP A 295 16.25 13.80 8.63
C ASP A 295 14.84 13.37 8.25
N SER A 296 14.35 12.34 8.94
CA SER A 296 13.01 11.79 8.72
C SER A 296 12.49 11.16 10.02
N PHE A 297 11.21 11.42 10.33
CA PHE A 297 10.54 10.90 11.52
C PHE A 297 9.26 10.19 11.11
N ASN A 298 8.98 9.02 11.70
CA ASN A 298 7.80 8.23 11.36
C ASN A 298 7.13 7.51 12.53
N PHE A 299 5.80 7.39 12.46
CA PHE A 299 5.06 6.66 13.47
C PHE A 299 3.75 6.23 12.80
N ASN A 300 3.12 5.19 13.33
CA ASN A 300 1.88 4.69 12.76
C ASN A 300 0.56 5.09 13.44
N PRO A 301 -0.21 5.97 12.79
CA PRO A 301 -1.49 6.31 13.42
C PRO A 301 -2.39 5.08 13.35
N HIS A 302 -2.05 4.15 12.44
CA HIS A 302 -2.85 2.93 12.30
C HIS A 302 -2.51 1.88 13.34
N LYS A 303 -1.70 2.27 14.32
CA LYS A 303 -1.40 1.37 15.42
C LYS A 303 -2.09 1.89 16.66
N TRP A 304 -1.55 2.96 17.23
CA TRP A 304 -2.06 3.54 18.46
C TRP A 304 -2.72 4.92 18.38
N LEU A 305 -3.25 5.32 17.21
CA LEU A 305 -3.92 6.63 17.12
C LEU A 305 -5.28 6.55 16.44
N LEU A 306 -5.89 5.38 16.49
CA LEU A 306 -7.21 5.12 15.96
C LEU A 306 -7.53 5.32 14.47
N VAL A 307 -6.51 5.44 13.62
CA VAL A 307 -6.79 5.58 12.20
C VAL A 307 -6.60 4.20 11.55
N ASN A 308 -7.72 3.55 11.20
CA ASN A 308 -7.71 2.22 10.61
C ASN A 308 -6.57 1.98 9.63
N PHE A 309 -6.01 0.77 9.68
CA PHE A 309 -4.88 0.40 8.85
C PHE A 309 -4.89 0.82 7.43
N ASP A 310 -3.70 1.28 7.08
CA ASP A 310 -3.27 1.82 5.83
C ASP A 310 -3.19 3.29 6.24
N CYS A 311 -2.18 3.61 7.07
CA CYS A 311 -1.90 4.98 7.48
C CYS A 311 -0.71 5.18 8.41
N SER A 312 0.46 5.34 7.79
CA SER A 312 1.71 5.58 8.50
C SER A 312 2.09 7.03 8.18
N ALA A 313 2.49 7.79 9.20
CA ALA A 313 2.84 9.21 9.04
C ALA A 313 4.34 9.47 9.05
N MET A 314 4.85 10.01 7.94
CA MET A 314 6.28 10.30 7.79
C MET A 314 6.56 11.78 7.46
N TRP A 315 7.57 12.34 8.14
CA TRP A 315 7.98 13.74 7.96
C TRP A 315 9.45 13.84 7.61
N VAL A 316 9.81 14.87 6.88
CA VAL A 316 11.20 15.13 6.53
C VAL A 316 11.45 16.63 6.58
N LYS A 317 12.69 17.02 6.82
CA LYS A 317 13.03 18.44 6.87
C LYS A 317 13.32 19.04 5.49
N ARG A 318 13.79 18.22 4.56
CA ARG A 318 14.10 18.68 3.21
C ARG A 318 13.39 17.84 2.16
N ARG A 319 12.21 18.28 1.73
CA ARG A 319 11.43 17.53 0.75
C ARG A 319 12.23 17.07 -0.46
N THR A 320 13.21 17.84 -0.90
CA THR A 320 14.02 17.46 -2.05
C THR A 320 14.97 16.30 -1.72
N ASP A 321 15.30 16.14 -0.44
CA ASP A 321 16.18 15.06 0.01
C ASP A 321 15.44 13.74 -0.24
N LEU A 322 14.11 13.82 -0.23
CA LEU A 322 13.26 12.66 -0.43
C LEU A 322 12.88 12.56 -1.89
N THR A 323 12.40 13.67 -2.42
CA THR A 323 11.98 13.80 -3.80
C THR A 323 13.07 13.40 -4.80
N GLY A 324 14.34 13.63 -4.42
CA GLY A 324 15.44 13.30 -5.30
C GLY A 324 15.66 11.84 -5.57
N ALA A 325 15.38 10.98 -4.61
CA ALA A 325 15.58 9.55 -4.78
C ALA A 325 14.66 8.93 -5.82
N PHE A 326 13.52 9.56 -6.08
CA PHE A 326 12.56 9.03 -7.03
C PHE A 326 12.36 9.90 -8.28
N LYS A 327 13.27 10.85 -8.49
CA LYS A 327 13.22 11.76 -9.64
C LYS A 327 14.38 11.51 -10.59
N SER A 340 9.08 24.07 -1.38
CA SER A 340 8.58 24.84 -0.19
C SER A 340 7.06 25.05 -0.15
N GLY A 341 6.50 24.96 1.06
CA GLY A 341 5.07 25.15 1.25
C GLY A 341 4.20 24.05 0.64
N LEU A 342 3.28 24.48 -0.22
CA LEU A 342 2.36 23.59 -0.92
C LEU A 342 3.06 22.42 -1.61
N ILE A 343 2.50 21.24 -1.45
CA ILE A 343 3.02 20.02 -2.05
C ILE A 343 2.01 19.60 -3.12
N THR A 344 2.49 19.20 -4.29
CA THR A 344 1.59 18.76 -5.36
C THR A 344 1.92 17.37 -5.90
N ASP A 345 3.14 16.91 -5.68
CA ASP A 345 3.56 15.62 -6.21
C ASP A 345 3.94 14.55 -5.19
N TYR A 346 2.95 13.97 -4.50
CA TYR A 346 3.30 12.96 -3.51
C TYR A 346 3.92 11.72 -4.12
N ARG A 347 3.79 11.57 -5.44
CA ARG A 347 4.33 10.40 -6.11
C ARG A 347 5.86 10.30 -5.99
N HIS A 348 6.51 11.38 -5.57
CA HIS A 348 7.96 11.34 -5.42
C HIS A 348 8.29 11.19 -3.96
N TRP A 349 7.25 10.99 -3.15
CA TRP A 349 7.40 10.83 -1.71
C TRP A 349 7.27 9.38 -1.24
N GLN A 350 6.75 8.51 -2.11
CA GLN A 350 6.53 7.10 -1.79
C GLN A 350 6.98 6.21 -2.93
N LEU A 351 6.92 4.91 -2.70
CA LEU A 351 7.32 3.92 -3.70
C LEU A 351 6.32 3.77 -4.86
N PRO A 352 5.04 3.52 -4.55
CA PRO A 352 4.02 3.37 -5.60
C PRO A 352 3.61 4.69 -6.27
N LEU A 353 2.96 4.58 -7.41
CA LEU A 353 2.50 5.77 -8.11
C LEU A 353 1.09 6.18 -7.64
N GLY A 354 0.17 5.22 -7.55
CA GLY A 354 -1.18 5.52 -7.10
C GLY A 354 -1.32 5.65 -5.59
N ARG A 355 -2.48 6.11 -5.13
CA ARG A 355 -2.77 6.26 -3.70
C ARG A 355 -4.25 6.65 -3.49
N ARG A 356 -4.81 6.26 -2.35
CA ARG A 356 -6.21 6.55 -2.00
C ARG A 356 -6.29 7.83 -1.20
N PHE A 357 -7.52 8.32 -1.04
CA PHE A 357 -7.79 9.54 -0.30
C PHE A 357 -7.73 9.18 1.19
N ARG A 358 -6.60 8.62 1.61
CA ARG A 358 -6.42 8.21 2.99
C ARG A 358 -6.52 9.32 4.04
N SER A 359 -6.16 10.54 3.68
CA SER A 359 -6.23 11.62 4.68
C SER A 359 -7.62 11.85 5.27
N LEU A 360 -8.66 11.42 4.55
CA LEU A 360 -10.03 11.57 5.03
C LEU A 360 -10.16 10.92 6.40
N LYS A 361 -9.46 9.80 6.57
CA LYS A 361 -9.52 9.08 7.84
C LYS A 361 -8.91 9.88 8.98
N MET A 362 -7.75 10.48 8.76
CA MET A 362 -7.11 11.27 9.80
C MET A 362 -8.03 12.44 10.17
N TRP A 363 -8.57 13.10 9.16
CA TRP A 363 -9.45 14.24 9.35
C TRP A 363 -10.64 13.85 10.20
N PHE A 364 -11.36 12.79 9.80
CA PHE A 364 -12.53 12.33 10.56
C PHE A 364 -12.15 11.94 11.97
N VAL A 365 -11.01 11.29 12.11
CA VAL A 365 -10.61 10.89 13.44
C VAL A 365 -10.25 12.11 14.29
N PHE A 366 -9.33 12.93 13.81
CA PHE A 366 -8.90 14.09 14.56
C PHE A 366 -10.10 14.97 14.89
N ARG A 367 -11.02 15.13 13.95
CA ARG A 367 -12.18 15.99 14.22
C ARG A 367 -13.22 15.37 15.13
N MET A 368 -13.55 14.11 14.91
CA MET A 368 -14.56 13.47 15.74
C MET A 368 -14.13 13.12 17.18
N TYR A 369 -12.84 13.00 17.43
CA TYR A 369 -12.32 12.70 18.76
C TYR A 369 -11.76 13.94 19.42
N GLY A 370 -11.19 14.82 18.61
CA GLY A 370 -10.59 16.02 19.13
C GLY A 370 -9.30 15.62 19.83
N VAL A 371 -8.38 16.56 19.97
CA VAL A 371 -7.12 16.27 20.62
C VAL A 371 -7.30 15.69 22.03
N LYS A 372 -8.19 16.27 22.81
CA LYS A 372 -8.41 15.78 24.17
C LYS A 372 -8.90 14.34 24.17
N GLY A 373 -9.79 14.00 23.24
CA GLY A 373 -10.28 12.64 23.15
C GLY A 373 -9.12 11.68 22.93
N LEU A 374 -8.26 12.02 21.98
CA LEU A 374 -7.10 11.21 21.66
C LEU A 374 -6.17 11.06 22.86
N GLN A 375 -5.89 12.16 23.55
CA GLN A 375 -5.00 12.10 24.69
C GLN A 375 -5.56 11.18 25.78
N ALA A 376 -6.87 11.21 25.97
CA ALA A 376 -7.51 10.37 26.97
C ALA A 376 -7.32 8.90 26.64
N TYR A 377 -7.61 8.55 25.39
CA TYR A 377 -7.49 7.18 24.91
C TYR A 377 -6.12 6.62 25.23
N ILE A 378 -5.09 7.37 24.90
CA ILE A 378 -3.73 6.93 25.15
C ILE A 378 -3.45 6.77 26.63
N ARG A 379 -3.83 7.77 27.40
CA ARG A 379 -3.57 7.70 28.81
C ARG A 379 -4.29 6.54 29.48
N LYS A 380 -5.52 6.30 29.09
CA LYS A 380 -6.29 5.21 29.69
C LYS A 380 -5.55 3.91 29.47
N HIS A 381 -5.01 3.75 28.27
CA HIS A 381 -4.27 2.55 27.95
C HIS A 381 -3.00 2.44 28.80
N VAL A 382 -2.27 3.54 28.94
CA VAL A 382 -1.04 3.52 29.72
C VAL A 382 -1.38 3.24 31.19
N GLN A 383 -2.56 3.69 31.61
CA GLN A 383 -3.04 3.47 32.96
C GLN A 383 -3.28 1.97 33.14
N LEU A 384 -3.96 1.36 32.15
CA LEU A 384 -4.24 -0.07 32.20
C LEU A 384 -2.95 -0.87 32.21
N SER A 385 -2.00 -0.47 31.38
CA SER A 385 -0.71 -1.13 31.30
C SER A 385 -0.02 -1.11 32.67
N HIS A 386 -0.10 0.01 33.38
CA HIS A 386 0.51 0.09 34.71
C HIS A 386 -0.27 -0.73 35.74
N GLU A 387 -1.57 -0.90 35.53
CA GLU A 387 -2.37 -1.70 36.45
C GLU A 387 -1.85 -3.13 36.36
N PHE A 388 -1.62 -3.60 35.13
CA PHE A 388 -1.13 -4.95 34.92
C PHE A 388 0.24 -5.10 35.57
N GLU A 389 1.11 -4.14 35.32
CA GLU A 389 2.45 -4.18 35.88
C GLU A 389 2.37 -4.35 37.40
N ALA A 390 1.42 -3.64 38.01
CA ALA A 390 1.22 -3.70 39.44
C ALA A 390 0.93 -5.15 39.86
N PHE A 391 -0.05 -5.77 39.21
CA PHE A 391 -0.40 -7.14 39.51
C PHE A 391 0.86 -8.00 39.54
N VAL A 392 1.64 -7.94 38.47
CA VAL A 392 2.87 -8.71 38.37
C VAL A 392 3.85 -8.33 39.49
N LEU A 393 3.93 -7.05 39.81
CA LEU A 393 4.84 -6.60 40.84
C LEU A 393 4.38 -7.05 42.21
N GLN A 394 3.08 -7.29 42.36
CA GLN A 394 2.52 -7.74 43.64
C GLN A 394 2.72 -9.21 43.94
N ASP A 395 2.93 -10.03 42.91
CA ASP A 395 3.11 -11.47 43.09
C ASP A 395 4.60 -11.84 43.06
N PRO A 396 5.14 -12.24 44.23
CA PRO A 396 6.56 -12.61 44.33
C PRO A 396 7.02 -13.74 43.42
N ARG A 397 6.07 -14.43 42.79
CA ARG A 397 6.43 -15.52 41.88
C ARG A 397 6.86 -15.03 40.50
N PHE A 398 6.42 -13.82 40.15
CA PHE A 398 6.73 -13.23 38.86
C PHE A 398 7.74 -12.08 38.97
N GLU A 399 8.17 -11.59 37.81
CA GLU A 399 9.11 -10.49 37.73
C GLU A 399 8.78 -9.68 36.48
N VAL A 400 8.99 -8.37 36.54
CA VAL A 400 8.76 -7.49 35.41
C VAL A 400 10.12 -7.29 34.77
N CYS A 401 10.25 -7.65 33.50
CA CYS A 401 11.53 -7.59 32.79
C CYS A 401 12.09 -6.30 32.22
N ALA A 402 11.29 -5.25 32.15
CA ALA A 402 11.80 -4.01 31.60
C ALA A 402 10.97 -2.83 32.08
N GLU A 403 11.56 -1.65 32.01
CA GLU A 403 10.83 -0.47 32.45
C GLU A 403 9.54 -0.43 31.62
N VAL A 404 8.42 -0.12 32.27
CA VAL A 404 7.12 -0.04 31.61
C VAL A 404 6.71 1.42 31.39
N THR A 405 6.92 1.93 30.17
CA THR A 405 6.58 3.32 29.88
C THR A 405 5.22 3.55 29.23
N LEU A 406 4.83 2.66 28.33
CA LEU A 406 3.57 2.81 27.62
C LEU A 406 2.65 1.60 27.78
N GLY A 407 2.03 1.13 26.71
CA GLY A 407 1.08 0.02 26.83
C GLY A 407 1.57 -1.42 26.87
N LEU A 408 2.87 -1.60 27.04
CA LEU A 408 3.44 -2.94 27.04
C LEU A 408 4.16 -3.32 28.34
N VAL A 409 3.91 -4.55 28.79
CA VAL A 409 4.54 -5.08 29.99
C VAL A 409 5.18 -6.42 29.69
N CYS A 410 6.48 -6.52 29.92
CA CYS A 410 7.19 -7.78 29.71
C CYS A 410 7.36 -8.42 31.08
N PHE A 411 6.70 -9.55 31.30
CA PHE A 411 6.81 -10.24 32.58
C PHE A 411 7.37 -11.63 32.43
N ARG A 412 7.57 -12.28 33.58
CA ARG A 412 8.17 -13.61 33.58
C ARG A 412 7.89 -14.31 34.90
N LEU A 413 7.70 -15.62 34.85
CA LEU A 413 7.48 -16.40 36.07
C LEU A 413 8.90 -16.67 36.51
N LYS A 414 9.25 -16.31 37.75
CA LYS A 414 10.62 -16.55 38.22
C LYS A 414 10.95 -18.01 38.02
N GLY A 415 12.02 -18.29 37.29
CA GLY A 415 12.40 -19.67 37.03
C GLY A 415 13.23 -19.82 35.77
N SER A 416 12.96 -20.87 35.00
CA SER A 416 13.69 -21.12 33.77
C SER A 416 12.88 -20.76 32.52
N ASP A 417 13.56 -20.68 31.38
CA ASP A 417 12.89 -20.38 30.13
C ASP A 417 11.89 -21.48 29.83
N GLY A 418 12.24 -22.70 30.22
CA GLY A 418 11.36 -23.83 29.98
C GLY A 418 10.06 -23.64 30.76
N LEU A 419 10.18 -23.20 32.00
CA LEU A 419 9.02 -22.99 32.84
C LEU A 419 8.09 -21.95 32.21
N ASN A 420 8.68 -20.88 31.68
CA ASN A 420 7.92 -19.80 31.04
C ASN A 420 7.34 -20.21 29.68
N GLU A 421 8.09 -20.98 28.88
CA GLU A 421 7.57 -21.44 27.59
C GLU A 421 6.31 -22.22 27.90
N ALA A 422 6.33 -22.92 29.03
CA ALA A 422 5.23 -23.75 29.46
C ALA A 422 4.02 -22.93 29.84
N LEU A 423 4.22 -21.89 30.65
CA LEU A 423 3.09 -21.03 31.03
C LEU A 423 2.41 -20.52 29.76
N LEU A 424 3.21 -20.02 28.83
CA LEU A 424 2.69 -19.51 27.57
C LEU A 424 1.86 -20.54 26.83
N GLU A 425 2.37 -21.76 26.74
CA GLU A 425 1.65 -22.81 26.03
C GLU A 425 0.30 -23.06 26.71
N ARG A 426 0.29 -23.05 28.04
CA ARG A 426 -0.95 -23.27 28.78
C ARG A 426 -1.92 -22.11 28.64
N ILE A 427 -1.41 -20.90 28.46
CA ILE A 427 -2.29 -19.75 28.31
C ILE A 427 -3.01 -19.78 26.96
N ASN A 428 -2.26 -20.05 25.89
CA ASN A 428 -2.83 -20.08 24.55
C ASN A 428 -3.78 -21.26 24.36
N SER A 429 -3.47 -22.37 24.99
CA SER A 429 -4.31 -23.54 24.84
C SER A 429 -5.62 -23.33 25.54
N ALA A 430 -5.61 -22.51 26.58
CA ALA A 430 -6.82 -22.24 27.35
C ALA A 430 -7.83 -21.40 26.56
N ARG A 431 -7.35 -20.70 25.54
CA ARG A 431 -8.20 -19.90 24.67
C ARG A 431 -9.05 -18.82 25.30
N LYS A 432 -8.59 -18.20 26.38
CA LYS A 432 -9.34 -17.13 27.02
C LYS A 432 -8.76 -15.79 26.59
N ILE A 433 -7.43 -15.69 26.65
CA ILE A 433 -6.71 -14.49 26.26
C ILE A 433 -5.61 -14.89 25.26
N HIS A 434 -5.05 -13.92 24.56
CA HIS A 434 -4.02 -14.21 23.58
C HIS A 434 -2.78 -13.32 23.77
N LEU A 435 -1.66 -13.98 24.03
CA LEU A 435 -0.38 -13.34 24.29
C LEU A 435 0.71 -13.90 23.39
N VAL A 436 1.78 -13.14 23.30
CA VAL A 436 2.90 -13.48 22.49
C VAL A 436 4.17 -13.27 23.32
N PRO A 437 5.21 -14.08 23.09
CA PRO A 437 6.46 -13.95 23.83
C PRO A 437 7.50 -13.30 22.94
N CYS A 438 8.71 -13.19 23.47
CA CYS A 438 9.83 -12.63 22.75
C CYS A 438 11.08 -12.91 23.58
N ARG A 439 12.25 -12.74 22.99
CA ARG A 439 13.47 -12.98 23.72
C ARG A 439 14.07 -11.62 24.05
N LEU A 440 14.48 -11.48 25.29
CA LEU A 440 15.08 -10.27 25.80
C LEU A 440 16.44 -10.69 26.34
N ARG A 441 17.48 -10.59 25.52
CA ARG A 441 18.83 -11.01 25.90
C ARG A 441 18.85 -12.54 26.00
N GLY A 442 18.23 -13.21 25.03
CA GLY A 442 18.19 -14.67 25.04
C GLY A 442 17.16 -15.31 25.96
N GLN A 443 16.74 -14.58 26.99
CA GLN A 443 15.76 -15.05 27.97
C GLN A 443 14.32 -15.05 27.41
N PHE A 444 13.55 -16.10 27.69
CA PHE A 444 12.17 -16.20 27.24
C PHE A 444 11.31 -15.27 28.10
N VAL A 445 10.59 -14.37 27.46
CA VAL A 445 9.75 -13.39 28.15
C VAL A 445 8.34 -13.35 27.58
N LEU A 446 7.37 -13.11 28.44
CA LEU A 446 5.97 -13.01 28.00
C LEU A 446 5.61 -11.53 27.88
N ARG A 447 4.87 -11.19 26.84
CA ARG A 447 4.46 -9.82 26.59
C ARG A 447 2.99 -9.62 26.84
N PHE A 448 2.65 -8.52 27.51
CA PHE A 448 1.27 -8.20 27.73
C PHE A 448 1.05 -6.79 27.13
N ALA A 449 0.24 -6.71 26.09
CA ALA A 449 0.00 -5.43 25.44
C ALA A 449 -1.47 -4.97 25.44
N ILE A 450 -1.71 -3.75 25.89
CA ILE A 450 -3.07 -3.23 25.87
C ILE A 450 -3.35 -2.86 24.41
N CYS A 451 -4.39 -3.45 23.82
CA CYS A 451 -4.72 -3.22 22.42
C CYS A 451 -6.09 -2.65 22.09
N SER A 452 -7.12 -3.47 22.27
CA SER A 452 -8.47 -3.07 21.97
C SER A 452 -8.89 -1.70 22.47
N ARG A 453 -9.68 -1.04 21.65
CA ARG A 453 -10.18 0.29 21.97
C ARG A 453 -11.05 0.21 23.21
N LYS A 454 -11.82 -0.87 23.34
CA LYS A 454 -12.73 -1.00 24.47
C LYS A 454 -12.26 -1.79 25.72
N VAL A 455 -10.95 -1.81 25.97
CA VAL A 455 -10.38 -2.52 27.13
C VAL A 455 -10.65 -1.74 28.41
N GLU A 456 -10.96 -2.46 29.48
CA GLU A 456 -11.26 -1.86 30.78
C GLU A 456 -10.45 -2.51 31.90
N SER A 457 -10.42 -1.88 33.07
CA SER A 457 -9.67 -2.45 34.19
C SER A 457 -10.14 -3.86 34.48
N GLY A 458 -11.43 -4.09 34.25
CA GLY A 458 -11.99 -5.40 34.49
C GLY A 458 -11.35 -6.48 33.63
N HIS A 459 -11.20 -6.20 32.35
CA HIS A 459 -10.58 -7.18 31.47
C HIS A 459 -9.18 -7.55 31.95
N VAL A 460 -8.41 -6.55 32.34
CA VAL A 460 -7.05 -6.78 32.80
C VAL A 460 -7.02 -7.63 34.07
N ARG A 461 -7.83 -7.27 35.08
CA ARG A 461 -7.84 -8.05 36.32
C ARG A 461 -8.16 -9.52 36.01
N LEU A 462 -9.23 -9.76 35.25
CA LEU A 462 -9.58 -11.14 34.90
C LEU A 462 -8.46 -11.83 34.15
N ALA A 463 -7.81 -11.10 33.26
CA ALA A 463 -6.72 -11.66 32.49
C ALA A 463 -5.58 -12.05 33.42
N TRP A 464 -5.26 -11.18 34.38
CA TRP A 464 -4.18 -11.46 35.31
C TRP A 464 -4.48 -12.68 36.15
N GLU A 465 -5.66 -12.67 36.76
CA GLU A 465 -6.09 -13.79 37.60
C GLU A 465 -5.91 -15.09 36.82
N HIS A 466 -6.45 -15.12 35.61
CA HIS A 466 -6.36 -16.31 34.76
C HIS A 466 -4.93 -16.74 34.54
N ILE A 467 -4.03 -15.77 34.38
CA ILE A 467 -2.63 -16.10 34.15
C ILE A 467 -2.00 -16.62 35.44
N ARG A 468 -2.39 -16.03 36.58
CA ARG A 468 -1.86 -16.41 37.89
C ARG A 468 -2.35 -17.83 38.22
N GLY A 469 -3.60 -18.11 37.89
CA GLY A 469 -4.14 -19.43 38.12
C GLY A 469 -3.33 -20.46 37.36
N LEU A 470 -3.18 -20.25 36.07
CA LEU A 470 -2.43 -21.17 35.26
C LEU A 470 -1.00 -21.32 35.76
N ALA A 471 -0.38 -20.21 36.18
CA ALA A 471 1.00 -20.29 36.66
C ALA A 471 1.03 -21.18 37.90
N ALA A 472 0.08 -20.97 38.80
CA ALA A 472 -0.02 -21.75 40.02
C ALA A 472 -0.11 -23.24 39.69
N GLU A 473 -1.13 -23.60 38.93
CA GLU A 473 -1.32 -25.00 38.51
C GLU A 473 0.01 -25.54 38.03
N LEU A 474 0.57 -24.88 37.01
CA LEU A 474 1.83 -25.27 36.43
C LEU A 474 2.95 -25.46 37.46
N LEU A 475 2.93 -24.62 38.50
CA LEU A 475 3.94 -24.68 39.55
C LEU A 475 3.81 -25.88 40.49
N ALA A 476 2.66 -26.55 40.45
CA ALA A 476 2.41 -27.71 41.30
C ALA A 476 2.55 -29.05 40.56
N MET B 1 -17.02 7.34 19.71
CA MET B 1 -18.43 6.85 19.72
C MET B 1 -18.50 5.34 19.95
N ASN B 2 -19.73 4.82 20.03
CA ASN B 2 -19.96 3.40 20.25
C ASN B 2 -20.79 2.78 19.11
N ALA B 3 -21.06 1.48 19.23
CA ALA B 3 -21.83 0.76 18.21
C ALA B 3 -23.18 1.40 17.86
N SER B 4 -23.92 1.85 18.87
CA SER B 4 -25.22 2.48 18.65
C SER B 4 -25.13 3.69 17.72
N ASP B 5 -24.23 4.62 18.03
CA ASP B 5 -24.02 5.82 17.23
C ASP B 5 -23.60 5.47 15.79
N PHE B 6 -22.75 4.45 15.66
CA PHE B 6 -22.31 4.04 14.34
C PHE B 6 -23.45 3.51 13.48
N ARG B 7 -24.45 2.88 14.10
CA ARG B 7 -25.56 2.38 13.31
C ARG B 7 -26.26 3.57 12.68
N ARG B 8 -26.43 4.62 13.48
CA ARG B 8 -27.07 5.83 13.02
C ARG B 8 -26.21 6.49 11.96
N ARG B 9 -25.08 7.05 12.40
CA ARG B 9 -24.12 7.73 11.53
C ARG B 9 -23.72 6.89 10.31
N GLY B 10 -23.34 5.64 10.55
CA GLY B 10 -22.94 4.76 9.47
C GLY B 10 -24.00 4.66 8.39
N LYS B 11 -25.25 4.62 8.80
CA LYS B 11 -26.34 4.52 7.82
C LYS B 11 -26.53 5.85 7.10
N GLU B 12 -26.26 6.95 7.79
CA GLU B 12 -26.38 8.27 7.15
C GLU B 12 -25.34 8.32 6.04
N MET B 13 -24.12 7.90 6.36
CA MET B 13 -23.01 7.88 5.40
C MET B 13 -23.35 7.08 4.16
N VAL B 14 -24.08 5.98 4.34
CA VAL B 14 -24.49 5.17 3.22
C VAL B 14 -25.39 5.98 2.28
N ASP B 15 -26.35 6.71 2.84
CA ASP B 15 -27.24 7.52 2.01
C ASP B 15 -26.43 8.59 1.29
N TYR B 16 -25.44 9.14 1.99
CA TYR B 16 -24.57 10.16 1.42
C TYR B 16 -23.85 9.56 0.20
N MET B 17 -23.22 8.42 0.40
CA MET B 17 -22.53 7.75 -0.69
C MET B 17 -23.49 7.54 -1.87
N ALA B 18 -24.67 6.98 -1.60
CA ALA B 18 -25.66 6.74 -2.64
C ALA B 18 -26.09 8.02 -3.37
N ASP B 19 -26.28 9.11 -2.62
CA ASP B 19 -26.65 10.37 -3.20
C ASP B 19 -25.55 10.83 -4.16
N TYR B 20 -24.33 10.94 -3.63
CA TYR B 20 -23.19 11.38 -4.44
C TYR B 20 -23.08 10.63 -5.76
N LEU B 21 -23.11 9.30 -5.70
CA LEU B 21 -23.00 8.48 -6.90
C LEU B 21 -24.24 8.60 -7.77
N GLU B 22 -25.39 8.67 -7.13
CA GLU B 22 -26.63 8.77 -7.87
C GLU B 22 -26.71 10.07 -8.66
N GLY B 23 -26.17 11.15 -8.10
CA GLY B 23 -26.24 12.42 -8.81
C GLY B 23 -24.97 12.86 -9.49
N ILE B 24 -23.96 11.99 -9.48
CA ILE B 24 -22.65 12.34 -10.05
C ILE B 24 -22.67 12.96 -11.44
N GLU B 25 -23.68 12.65 -12.23
CA GLU B 25 -23.73 13.19 -13.58
C GLU B 25 -23.95 14.68 -13.59
N GLY B 26 -24.35 15.24 -12.45
CA GLY B 26 -24.57 16.67 -12.37
C GLY B 26 -23.36 17.38 -11.79
N ARG B 27 -22.24 16.66 -11.65
CA ARG B 27 -21.02 17.22 -11.11
C ARG B 27 -20.12 17.69 -12.25
N GLN B 28 -19.34 18.76 -12.04
CA GLN B 28 -18.42 19.18 -13.08
C GLN B 28 -17.23 18.23 -12.89
N VAL B 29 -16.94 17.43 -13.91
CA VAL B 29 -15.85 16.47 -13.84
C VAL B 29 -14.50 16.97 -13.30
N TYR B 30 -13.92 17.97 -13.95
CA TYR B 30 -12.62 18.51 -13.54
C TYR B 30 -12.79 19.82 -12.76
N PRO B 31 -12.10 19.95 -11.61
CA PRO B 31 -12.16 21.14 -10.72
C PRO B 31 -11.51 22.41 -11.21
N ASP B 32 -12.06 23.55 -10.76
CA ASP B 32 -11.58 24.89 -11.13
C ASP B 32 -10.72 25.42 -9.99
N VAL B 33 -10.71 24.66 -8.91
CA VAL B 33 -9.96 25.05 -7.74
C VAL B 33 -8.49 25.26 -8.14
N GLN B 34 -7.83 26.20 -7.48
CA GLN B 34 -6.43 26.49 -7.79
C GLN B 34 -5.53 25.74 -6.80
N PRO B 35 -4.29 25.42 -7.18
CA PRO B 35 -3.39 24.68 -6.27
C PRO B 35 -3.19 25.44 -4.98
N GLY B 36 -3.38 24.77 -3.83
CA GLY B 36 -3.20 25.41 -2.54
C GLY B 36 -4.47 26.02 -1.95
N TYR B 37 -5.58 25.84 -2.65
CA TYR B 37 -6.86 26.36 -2.23
C TYR B 37 -7.39 25.91 -0.88
N LEU B 38 -7.08 24.67 -0.49
CA LEU B 38 -7.63 24.11 0.74
C LEU B 38 -7.11 24.60 2.09
N ARG B 39 -5.80 24.74 2.25
CA ARG B 39 -5.28 25.15 3.54
C ARG B 39 -6.00 26.32 4.20
N PRO B 40 -6.27 27.38 3.43
CA PRO B 40 -6.95 28.54 4.02
C PRO B 40 -8.44 28.36 4.37
N LEU B 41 -9.05 27.27 3.90
CA LEU B 41 -10.46 27.00 4.21
C LEU B 41 -10.67 26.10 5.43
N ILE B 42 -9.56 25.68 6.05
CA ILE B 42 -9.56 24.79 7.20
C ILE B 42 -8.74 25.39 8.33
N PRO B 43 -9.06 25.04 9.59
CA PRO B 43 -8.29 25.59 10.72
C PRO B 43 -6.85 25.13 10.65
N ALA B 44 -5.97 25.80 11.40
CA ALA B 44 -4.56 25.46 11.39
C ALA B 44 -4.21 24.38 12.40
N THR B 45 -5.18 24.07 13.25
CA THR B 45 -4.99 23.09 14.31
C THR B 45 -6.16 22.15 14.43
N ALA B 46 -5.86 20.93 14.87
CA ALA B 46 -6.91 19.94 15.08
C ALA B 46 -7.75 20.49 16.20
N PRO B 47 -9.05 20.18 16.21
CA PRO B 47 -9.89 20.70 17.28
C PRO B 47 -9.59 20.02 18.61
N GLN B 48 -9.67 20.78 19.69
CA GLN B 48 -9.45 20.25 21.03
C GLN B 48 -10.64 19.39 21.46
N GLU B 49 -11.85 19.88 21.18
CA GLU B 49 -13.08 19.18 21.52
C GLU B 49 -13.72 18.66 20.24
N PRO B 50 -14.49 17.58 20.33
CA PRO B 50 -15.17 16.97 19.19
C PRO B 50 -15.89 17.96 18.28
N ASP B 51 -16.13 17.53 17.05
CA ASP B 51 -16.85 18.32 16.04
C ASP B 51 -18.05 17.45 15.71
N THR B 52 -19.04 18.02 15.06
CA THR B 52 -20.25 17.29 14.70
C THR B 52 -20.16 16.55 13.40
N PHE B 53 -20.62 15.29 13.38
CA PHE B 53 -20.63 14.50 12.14
C PHE B 53 -21.31 15.35 11.07
N GLU B 54 -22.42 15.98 11.45
CA GLU B 54 -23.18 16.83 10.54
C GLU B 54 -22.30 17.94 9.98
N ASP B 55 -21.49 18.55 10.84
CA ASP B 55 -20.59 19.62 10.45
C ASP B 55 -19.47 19.11 9.50
N ILE B 56 -18.92 17.95 9.83
CA ILE B 56 -17.87 17.32 9.02
C ILE B 56 -18.41 16.96 7.65
N LEU B 57 -19.65 16.48 7.61
CA LEU B 57 -20.23 16.08 6.36
C LEU B 57 -20.52 17.24 5.44
N GLN B 58 -20.89 18.40 5.97
CA GLN B 58 -21.14 19.52 5.07
C GLN B 58 -19.82 20.10 4.61
N ASP B 59 -18.80 19.99 5.46
CA ASP B 59 -17.47 20.47 5.07
C ASP B 59 -17.06 19.62 3.86
N VAL B 60 -17.45 18.34 3.86
CA VAL B 60 -17.12 17.47 2.74
C VAL B 60 -17.70 18.05 1.44
N GLU B 61 -18.99 18.41 1.46
CA GLU B 61 -19.67 19.01 0.29
C GLU B 61 -19.13 20.38 -0.11
N LYS B 62 -19.02 21.27 0.87
CA LYS B 62 -18.58 22.61 0.59
C LYS B 62 -17.10 22.85 0.38
N ILE B 63 -16.26 22.05 1.02
CA ILE B 63 -14.82 22.24 0.91
C ILE B 63 -14.00 21.18 0.16
N ILE B 64 -14.32 19.90 0.39
CA ILE B 64 -13.59 18.81 -0.26
C ILE B 64 -14.00 18.64 -1.71
N MET B 65 -15.29 18.47 -1.93
CA MET B 65 -15.82 18.29 -3.29
C MET B 65 -15.33 19.30 -4.35
N PRO B 66 -15.17 20.59 -3.99
CA PRO B 66 -14.71 21.50 -5.03
C PRO B 66 -13.32 21.13 -5.54
N GLY B 67 -12.59 20.37 -4.74
CA GLY B 67 -11.25 19.94 -5.12
C GLY B 67 -11.17 18.48 -5.54
N VAL B 68 -12.30 17.90 -5.93
CA VAL B 68 -12.35 16.51 -6.36
C VAL B 68 -12.48 16.40 -7.88
N THR B 69 -11.78 15.45 -8.48
CA THR B 69 -11.88 15.19 -9.90
C THR B 69 -12.73 13.93 -9.93
N HIS B 70 -13.95 14.02 -10.45
CA HIS B 70 -14.85 12.86 -10.45
C HIS B 70 -14.62 11.73 -11.45
N TRP B 71 -13.79 10.77 -11.03
CA TRP B 71 -13.45 9.61 -11.84
C TRP B 71 -14.67 8.78 -12.21
N HIS B 72 -15.77 8.95 -11.48
CA HIS B 72 -16.93 8.12 -11.77
C HIS B 72 -18.09 8.80 -12.48
N SER B 73 -17.82 9.97 -13.04
CA SER B 73 -18.83 10.66 -13.80
C SER B 73 -18.76 9.98 -15.15
N PRO B 74 -19.90 9.73 -15.78
CA PRO B 74 -19.76 9.08 -17.07
C PRO B 74 -19.04 9.96 -18.07
N TYR B 75 -18.75 11.20 -17.68
CA TYR B 75 -18.06 12.12 -18.56
C TYR B 75 -16.56 12.22 -18.31
N PHE B 76 -16.05 11.30 -17.49
CA PHE B 76 -14.63 11.23 -17.18
C PHE B 76 -14.04 10.28 -18.24
N PHE B 77 -13.29 10.82 -19.19
CA PHE B 77 -12.70 9.98 -20.24
C PHE B 77 -11.17 10.06 -20.21
N ALA B 78 -10.61 10.28 -19.03
CA ALA B 78 -9.17 10.40 -18.91
C ALA B 78 -8.45 9.13 -18.50
N TYR B 79 -7.13 9.13 -18.66
CA TYR B 79 -6.27 8.01 -18.30
C TYR B 79 -6.95 6.69 -18.61
N PHE B 80 -7.07 5.82 -17.62
CA PHE B 80 -7.76 4.54 -17.75
C PHE B 80 -8.79 4.50 -16.64
N PRO B 81 -9.75 3.59 -16.70
CA PRO B 81 -10.72 3.62 -15.60
C PRO B 81 -10.16 3.15 -14.25
N THR B 82 -10.70 3.67 -13.15
CA THR B 82 -10.31 3.21 -11.84
C THR B 82 -11.59 2.49 -11.38
N ALA B 83 -11.45 1.37 -10.70
CA ALA B 83 -12.62 0.61 -10.28
C ALA B 83 -13.41 1.17 -9.09
N SER B 84 -14.71 0.85 -9.08
CA SER B 84 -15.61 1.28 -8.02
C SER B 84 -16.92 0.53 -8.20
N SER B 85 -17.23 -0.38 -7.29
CA SER B 85 -18.49 -1.11 -7.35
C SER B 85 -19.05 -1.28 -5.95
N TYR B 86 -20.38 -1.36 -5.86
CA TYR B 86 -21.02 -1.52 -4.56
C TYR B 86 -20.55 -2.78 -3.82
N PRO B 87 -20.37 -3.89 -4.54
CA PRO B 87 -19.91 -5.11 -3.87
C PRO B 87 -18.55 -4.92 -3.16
N ALA B 88 -17.60 -4.26 -3.83
CA ALA B 88 -16.31 -4.05 -3.21
C ALA B 88 -16.45 -3.10 -2.03
N MET B 89 -17.32 -2.12 -2.17
CA MET B 89 -17.51 -1.17 -1.08
C MET B 89 -18.04 -1.88 0.16
N LEU B 90 -19.04 -2.73 -0.03
CA LEU B 90 -19.62 -3.47 1.08
C LEU B 90 -18.49 -4.25 1.72
N ALA B 91 -17.72 -4.93 0.88
CA ALA B 91 -16.58 -5.74 1.31
C ALA B 91 -15.58 -4.91 2.08
N ASP B 92 -15.23 -3.73 1.56
CA ASP B 92 -14.27 -2.90 2.25
C ASP B 92 -14.76 -2.56 3.65
N MET B 93 -16.04 -2.23 3.78
CA MET B 93 -16.59 -1.92 5.08
C MET B 93 -16.32 -3.10 6.05
N LEU B 94 -16.60 -4.31 5.59
CA LEU B 94 -16.39 -5.49 6.42
C LEU B 94 -14.92 -5.59 6.82
N CYS B 95 -14.04 -5.53 5.81
CA CYS B 95 -12.60 -5.61 5.99
C CYS B 95 -12.16 -4.69 7.14
N GLY B 96 -12.68 -3.47 7.14
CA GLY B 96 -12.35 -2.51 8.17
C GLY B 96 -12.90 -2.88 9.52
N ALA B 97 -14.07 -3.53 9.54
CA ALA B 97 -14.70 -3.93 10.81
C ALA B 97 -13.92 -5.05 11.47
N ILE B 98 -13.63 -6.09 10.70
CA ILE B 98 -12.85 -7.22 11.22
C ILE B 98 -11.48 -6.67 11.64
N GLY B 99 -10.99 -5.72 10.83
CA GLY B 99 -9.73 -5.03 11.09
C GLY B 99 -8.51 -5.78 11.54
N CYS B 100 -8.15 -6.85 10.83
CA CYS B 100 -6.98 -7.64 11.18
C CYS B 100 -5.82 -7.21 10.29
N ILE B 101 -4.59 -7.55 10.69
CA ILE B 101 -3.39 -7.24 9.92
C ILE B 101 -2.75 -8.57 9.58
N GLY B 102 -2.92 -9.03 8.35
CA GLY B 102 -2.37 -10.33 7.97
C GLY B 102 -0.88 -10.46 7.70
N PHE B 103 -0.04 -9.93 8.59
CA PHE B 103 1.40 -10.01 8.39
C PHE B 103 1.94 -11.43 8.60
N SER B 104 1.10 -12.29 9.18
CA SER B 104 1.47 -13.68 9.43
C SER B 104 0.19 -14.52 9.38
N TRP B 105 0.34 -15.82 9.15
CA TRP B 105 -0.83 -16.67 9.09
C TRP B 105 -1.64 -16.61 10.41
N ALA B 106 -0.92 -16.65 11.53
CA ALA B 106 -1.55 -16.61 12.84
C ALA B 106 -2.30 -15.33 13.15
N ALA B 107 -1.93 -14.24 12.49
CA ALA B 107 -2.58 -12.96 12.71
C ALA B 107 -4.03 -12.99 12.19
N SER B 108 -4.34 -14.03 11.42
CA SER B 108 -5.66 -14.29 10.85
C SER B 108 -5.58 -15.20 9.61
N PRO B 109 -5.62 -16.53 9.82
CA PRO B 109 -5.56 -17.50 8.72
C PRO B 109 -6.37 -17.12 7.50
N ALA B 110 -7.62 -16.70 7.72
CA ALA B 110 -8.52 -16.37 6.62
C ALA B 110 -8.04 -15.19 5.74
N CYS B 111 -7.47 -14.18 6.36
CA CYS B 111 -6.97 -13.04 5.60
C CYS B 111 -5.97 -13.55 4.56
N THR B 112 -5.21 -14.58 4.92
CA THR B 112 -4.25 -15.14 4.00
C THR B 112 -4.86 -16.18 3.05
N GLU B 113 -5.61 -17.13 3.60
CA GLU B 113 -6.19 -18.19 2.79
C GLU B 113 -7.24 -17.79 1.76
N LEU B 114 -8.06 -16.78 2.05
CA LEU B 114 -9.05 -16.36 1.08
C LEU B 114 -8.33 -15.77 -0.13
N GLU B 115 -7.22 -15.07 0.12
CA GLU B 115 -6.45 -14.44 -0.95
C GLU B 115 -5.92 -15.44 -1.97
N THR B 116 -5.27 -16.48 -1.48
CA THR B 116 -4.73 -17.51 -2.35
C THR B 116 -5.87 -18.13 -3.18
N VAL B 117 -6.98 -18.47 -2.52
CA VAL B 117 -8.10 -19.05 -3.24
C VAL B 117 -8.66 -18.09 -4.30
N MET B 118 -8.81 -16.81 -3.95
CA MET B 118 -9.34 -15.85 -4.90
C MET B 118 -8.40 -15.67 -6.07
N MET B 119 -7.11 -15.68 -5.80
CA MET B 119 -6.15 -15.54 -6.89
C MET B 119 -6.25 -16.72 -7.85
N ASP B 120 -6.67 -17.87 -7.32
CA ASP B 120 -6.84 -19.04 -8.14
C ASP B 120 -8.12 -18.86 -8.97
N TRP B 121 -9.19 -18.36 -8.35
CA TRP B 121 -10.41 -18.12 -9.12
C TRP B 121 -10.04 -17.24 -10.30
N LEU B 122 -9.49 -16.07 -10.00
CA LEU B 122 -9.13 -15.13 -11.03
C LEU B 122 -8.17 -15.77 -12.04
N GLY B 123 -7.21 -16.53 -11.52
CA GLY B 123 -6.27 -17.20 -12.39
C GLY B 123 -7.03 -18.04 -13.43
N LYS B 124 -8.02 -18.79 -12.96
CA LYS B 124 -8.82 -19.62 -13.83
C LYS B 124 -9.69 -18.81 -14.79
N MET B 125 -10.27 -17.71 -14.31
CA MET B 125 -11.09 -16.87 -15.19
C MET B 125 -10.25 -16.38 -16.38
N LEU B 126 -8.99 -16.07 -16.13
CA LEU B 126 -8.07 -15.61 -17.16
C LEU B 126 -7.55 -16.77 -18.01
N GLN B 127 -7.79 -18.00 -17.52
CA GLN B 127 -7.33 -19.21 -18.20
C GLN B 127 -5.83 -19.20 -18.28
N LEU B 128 -5.21 -18.88 -17.16
CA LEU B 128 -3.76 -18.85 -17.06
C LEU B 128 -3.28 -20.29 -17.01
N PRO B 129 -2.03 -20.50 -17.36
CA PRO B 129 -1.52 -21.86 -17.31
C PRO B 129 -1.52 -22.32 -15.85
N GLU B 130 -1.80 -23.60 -15.65
CA GLU B 130 -1.85 -24.20 -14.32
C GLU B 130 -0.62 -23.87 -13.48
N ALA B 131 0.51 -23.60 -14.15
CA ALA B 131 1.78 -23.27 -13.46
C ALA B 131 1.68 -22.10 -12.49
N PHE B 132 0.74 -21.19 -12.74
CA PHE B 132 0.54 -20.01 -11.90
C PHE B 132 -0.41 -20.26 -10.73
N LEU B 133 -1.21 -21.32 -10.80
CA LEU B 133 -2.15 -21.62 -9.74
C LEU B 133 -1.54 -22.30 -8.52
N ALA B 134 -1.98 -21.90 -7.33
CA ALA B 134 -1.47 -22.48 -6.10
C ALA B 134 -1.97 -23.90 -5.92
N GLY B 135 -3.29 -24.08 -6.03
CA GLY B 135 -3.89 -25.40 -5.86
C GLY B 135 -3.43 -26.03 -4.57
N GLU B 136 -3.28 -27.35 -4.57
CA GLU B 136 -2.82 -28.07 -3.39
C GLU B 136 -1.38 -28.51 -3.50
N ALA B 137 -0.80 -28.40 -4.68
CA ALA B 137 0.58 -28.83 -4.84
C ALA B 137 1.35 -28.18 -5.98
N GLY B 138 1.03 -26.91 -6.27
CA GLY B 138 1.72 -26.19 -7.32
C GLY B 138 2.80 -25.29 -6.73
N GLU B 139 3.95 -25.18 -7.38
CA GLU B 139 5.03 -24.33 -6.89
C GLU B 139 4.71 -22.85 -7.10
N GLY B 140 3.64 -22.60 -7.86
CA GLY B 140 3.25 -21.23 -8.13
C GLY B 140 2.15 -20.70 -7.23
N GLY B 141 1.58 -19.57 -7.63
CA GLY B 141 0.52 -18.96 -6.84
C GLY B 141 0.38 -17.49 -7.15
N GLY B 142 -0.61 -16.85 -6.57
CA GLY B 142 -0.79 -15.44 -6.80
C GLY B 142 -0.91 -14.64 -5.51
N VAL B 143 -0.62 -13.36 -5.59
CA VAL B 143 -0.73 -12.51 -4.41
C VAL B 143 -1.27 -11.15 -4.81
N ILE B 144 -1.97 -10.50 -3.88
CA ILE B 144 -2.48 -9.17 -4.13
C ILE B 144 -1.36 -8.17 -3.78
N GLN B 145 -1.04 -7.29 -4.70
CA GLN B 145 -0.02 -6.26 -4.46
C GLN B 145 -0.80 -4.95 -4.33
N GLY B 146 -0.15 -3.91 -3.81
CA GLY B 146 -0.83 -2.64 -3.67
C GLY B 146 -1.09 -1.96 -5.00
N SER B 147 -0.25 -2.20 -6.00
CA SER B 147 -0.43 -1.59 -7.31
C SER B 147 0.48 -2.23 -8.36
N ALA B 148 0.20 -1.97 -9.64
CA ALA B 148 1.00 -2.54 -10.69
C ALA B 148 2.45 -2.05 -10.59
N SER B 149 2.63 -0.82 -10.13
CA SER B 149 3.99 -0.26 -10.01
C SER B 149 4.77 -1.04 -8.96
N GLU B 150 4.09 -1.49 -7.92
CA GLU B 150 4.78 -2.26 -6.88
C GLU B 150 5.00 -3.67 -7.40
N ALA B 151 4.02 -4.21 -8.10
CA ALA B 151 4.18 -5.54 -8.67
C ALA B 151 5.44 -5.58 -9.54
N THR B 152 5.59 -4.60 -10.43
CA THR B 152 6.76 -4.53 -11.28
C THR B 152 8.06 -4.47 -10.49
N LEU B 153 8.11 -3.59 -9.49
CA LEU B 153 9.29 -3.44 -8.66
C LEU B 153 9.63 -4.76 -7.96
N VAL B 154 8.62 -5.43 -7.41
CA VAL B 154 8.84 -6.70 -6.73
C VAL B 154 9.47 -7.71 -7.70
N ALA B 155 8.94 -7.80 -8.91
CA ALA B 155 9.46 -8.73 -9.91
C ALA B 155 10.94 -8.45 -10.19
N LEU B 156 11.26 -7.18 -10.44
CA LEU B 156 12.63 -6.80 -10.74
C LEU B 156 13.57 -7.15 -9.57
N LEU B 157 13.12 -6.92 -8.33
CA LEU B 157 13.97 -7.24 -7.18
C LEU B 157 14.15 -8.76 -7.09
N ALA B 158 13.11 -9.51 -7.43
CA ALA B 158 13.24 -10.96 -7.39
C ALA B 158 14.23 -11.38 -8.48
N ALA B 159 14.13 -10.75 -9.64
CA ALA B 159 15.01 -11.05 -10.74
C ALA B 159 16.43 -10.70 -10.35
N ARG B 160 16.63 -9.47 -9.88
CA ARG B 160 17.96 -9.02 -9.48
C ARG B 160 18.63 -10.00 -8.53
N THR B 161 17.90 -10.38 -7.48
CA THR B 161 18.43 -11.32 -6.51
C THR B 161 18.79 -12.66 -7.12
N LYS B 162 17.90 -13.18 -7.96
CA LYS B 162 18.13 -14.47 -8.59
C LYS B 162 19.38 -14.53 -9.50
N VAL B 163 19.61 -13.46 -10.27
CA VAL B 163 20.79 -13.41 -11.14
C VAL B 163 22.07 -13.17 -10.35
N VAL B 164 22.00 -12.46 -9.23
CA VAL B 164 23.19 -12.21 -8.41
C VAL B 164 23.61 -13.53 -7.75
N ARG B 165 22.64 -14.34 -7.35
CA ARG B 165 22.93 -15.62 -6.71
C ARG B 165 23.57 -16.58 -7.70
N ARG B 166 22.98 -16.70 -8.88
CA ARG B 166 23.53 -17.60 -9.90
C ARG B 166 24.96 -17.19 -10.26
N LEU B 167 25.19 -15.91 -10.47
CA LEU B 167 26.51 -15.44 -10.82
C LEU B 167 27.55 -15.72 -9.74
N GLN B 168 27.12 -15.89 -8.50
CA GLN B 168 28.10 -16.18 -7.47
C GLN B 168 28.22 -17.71 -7.31
N ALA B 169 27.15 -18.41 -7.66
CA ALA B 169 27.16 -19.87 -7.59
C ALA B 169 28.07 -20.36 -8.71
N ALA B 170 28.37 -19.47 -9.65
CA ALA B 170 29.23 -19.76 -10.79
C ALA B 170 30.68 -19.41 -10.47
N SER B 171 30.92 -18.11 -10.25
CA SER B 171 32.25 -17.63 -9.92
C SER B 171 32.27 -17.25 -8.45
N PRO B 172 32.32 -18.27 -7.57
CA PRO B 172 32.36 -18.03 -6.14
C PRO B 172 33.39 -16.96 -5.78
N GLY B 173 32.92 -15.83 -5.25
CA GLY B 173 33.82 -14.76 -4.88
C GLY B 173 33.46 -13.46 -5.58
N LEU B 174 32.39 -13.52 -6.36
CA LEU B 174 31.90 -12.37 -7.13
C LEU B 174 31.08 -11.41 -6.24
N THR B 175 31.43 -10.13 -6.19
CA THR B 175 30.66 -9.21 -5.33
C THR B 175 29.35 -8.74 -5.99
N GLN B 176 28.35 -8.45 -5.17
CA GLN B 176 27.08 -7.98 -5.72
C GLN B 176 27.25 -6.65 -6.42
N GLY B 177 27.95 -5.73 -5.78
CA GLY B 177 28.16 -4.42 -6.38
C GLY B 177 28.70 -4.59 -7.79
N ALA B 178 29.52 -5.62 -7.98
CA ALA B 178 30.11 -5.91 -9.28
C ALA B 178 29.04 -6.25 -10.29
N VAL B 179 28.16 -7.18 -9.91
CA VAL B 179 27.08 -7.62 -10.77
C VAL B 179 26.08 -6.52 -11.14
N LEU B 180 25.74 -5.65 -10.19
CA LEU B 180 24.80 -4.58 -10.48
C LEU B 180 25.28 -3.68 -11.60
N GLU B 181 26.55 -3.32 -11.57
CA GLU B 181 27.14 -2.45 -12.58
C GLU B 181 26.82 -2.84 -13.99
N LYS B 182 26.76 -4.14 -14.25
CA LYS B 182 26.51 -4.63 -15.60
C LYS B 182 25.09 -5.12 -15.90
N LEU B 183 24.21 -5.06 -14.91
CA LEU B 183 22.83 -5.50 -15.03
C LEU B 183 21.99 -4.54 -15.87
N VAL B 184 21.29 -5.07 -16.88
CA VAL B 184 20.46 -4.25 -17.74
C VAL B 184 19.06 -4.83 -17.81
N ALA B 185 18.07 -3.95 -17.85
CA ALA B 185 16.67 -4.35 -17.93
C ALA B 185 16.04 -3.65 -19.14
N TYR B 186 15.02 -4.29 -19.71
CA TYR B 186 14.36 -3.74 -20.89
C TYR B 186 12.84 -3.59 -20.78
N ALA B 187 12.29 -2.68 -21.58
CA ALA B 187 10.86 -2.41 -21.64
C ALA B 187 10.60 -1.71 -22.97
N SER B 188 9.38 -1.81 -23.48
CA SER B 188 9.01 -1.14 -24.72
C SER B 188 9.16 0.37 -24.55
N ASP B 189 9.32 1.10 -25.65
CA ASP B 189 9.44 2.53 -25.52
C ASP B 189 8.04 3.06 -25.19
N GLN B 190 7.05 2.17 -25.19
CA GLN B 190 5.68 2.55 -24.82
C GLN B 190 5.37 2.15 -23.37
N ALA B 191 6.34 1.55 -22.68
CA ALA B 191 6.14 1.09 -21.31
C ALA B 191 5.80 2.21 -20.32
N HIS B 192 5.05 1.84 -19.29
CA HIS B 192 4.64 2.75 -18.22
C HIS B 192 5.87 3.21 -17.41
N SER B 193 5.75 4.38 -16.77
CA SER B 193 6.87 4.92 -16.01
C SER B 193 7.26 4.10 -14.78
N SER B 194 6.34 3.25 -14.32
CA SER B 194 6.61 2.41 -13.16
C SER B 194 7.85 1.56 -13.35
N VAL B 195 8.19 1.31 -14.61
CA VAL B 195 9.37 0.50 -14.93
C VAL B 195 10.65 1.28 -14.65
N GLU B 196 10.69 2.55 -15.02
CA GLU B 196 11.87 3.36 -14.74
C GLU B 196 12.07 3.44 -13.22
N ARG B 197 10.99 3.73 -12.49
CA ARG B 197 11.09 3.83 -11.04
C ARG B 197 11.67 2.54 -10.51
N ALA B 198 11.17 1.42 -11.03
CA ALA B 198 11.65 0.13 -10.59
C ALA B 198 13.18 0.02 -10.80
N GLY B 199 13.63 0.31 -12.02
CA GLY B 199 15.06 0.23 -12.29
C GLY B 199 15.84 1.18 -11.42
N LEU B 200 15.28 2.35 -11.19
CA LEU B 200 15.92 3.35 -10.37
C LEU B 200 16.12 2.83 -8.95
N ILE B 201 15.05 2.30 -8.36
CA ILE B 201 15.11 1.77 -7.00
C ILE B 201 16.01 0.54 -6.93
N GLY B 202 15.84 -0.36 -7.88
CA GLY B 202 16.65 -1.57 -7.90
C GLY B 202 18.11 -1.29 -8.17
N GLY B 203 18.41 -0.09 -8.65
CA GLY B 203 19.78 0.29 -8.93
C GLY B 203 20.41 -0.37 -10.13
N VAL B 204 19.63 -0.59 -11.19
CA VAL B 204 20.16 -1.20 -12.39
C VAL B 204 19.89 -0.27 -13.56
N LYS B 205 20.38 -0.65 -14.73
CA LYS B 205 20.20 0.13 -15.95
C LYS B 205 18.94 -0.30 -16.67
N LEU B 206 18.24 0.64 -17.30
CA LEU B 206 17.03 0.32 -18.06
C LEU B 206 17.13 0.85 -19.51
N LYS B 207 16.86 -0.01 -20.48
CA LYS B 207 16.91 0.41 -21.88
C LYS B 207 15.56 0.22 -22.56
N ALA B 208 15.24 1.10 -23.49
CA ALA B 208 13.98 0.99 -24.20
C ALA B 208 14.19 0.22 -25.47
N ILE B 209 13.19 -0.57 -25.83
CA ILE B 209 13.23 -1.36 -27.03
C ILE B 209 12.31 -0.67 -28.02
N PRO B 210 12.86 -0.14 -29.11
CA PRO B 210 12.05 0.55 -30.13
C PRO B 210 10.87 -0.31 -30.53
N SER B 211 9.69 0.29 -30.62
CA SER B 211 8.48 -0.47 -30.97
C SER B 211 8.22 -0.38 -32.47
N ASP B 212 7.38 -1.29 -32.97
CA ASP B 212 7.07 -1.33 -34.38
C ASP B 212 5.93 -0.39 -34.81
N GLY B 213 5.42 -0.62 -36.01
CA GLY B 213 4.35 0.19 -36.56
C GLY B 213 3.08 0.19 -35.72
N LYS B 214 2.78 -0.95 -35.12
CA LYS B 214 1.60 -1.08 -34.28
C LYS B 214 1.96 -0.83 -32.80
N PHE B 215 3.10 -0.16 -32.59
CA PHE B 215 3.58 0.17 -31.25
C PHE B 215 3.76 -1.01 -30.32
N ALA B 216 4.28 -2.09 -30.87
CA ALA B 216 4.50 -3.32 -30.12
C ALA B 216 5.98 -3.68 -30.07
N MET B 217 6.39 -4.39 -29.01
CA MET B 217 7.76 -4.82 -28.89
C MET B 217 7.87 -6.12 -29.66
N ARG B 218 8.83 -6.19 -30.57
CA ARG B 218 9.02 -7.36 -31.39
C ARG B 218 10.34 -8.10 -31.14
N ALA B 219 10.31 -9.40 -31.40
CA ALA B 219 11.47 -10.26 -31.22
C ALA B 219 12.73 -9.65 -31.79
N SER B 220 12.63 -9.16 -33.03
CA SER B 220 13.75 -8.54 -33.72
C SER B 220 14.46 -7.45 -32.89
N ALA B 221 13.74 -6.39 -32.55
CA ALA B 221 14.33 -5.30 -31.78
C ALA B 221 14.93 -5.79 -30.47
N LEU B 222 14.18 -6.62 -29.76
CA LEU B 222 14.67 -7.14 -28.48
C LEU B 222 16.01 -7.87 -28.66
N GLN B 223 16.04 -8.85 -29.57
CA GLN B 223 17.26 -9.62 -29.83
C GLN B 223 18.44 -8.72 -30.17
N GLU B 224 18.19 -7.68 -30.96
CA GLU B 224 19.23 -6.75 -31.33
C GLU B 224 19.83 -6.11 -30.09
N ALA B 225 18.96 -5.55 -29.25
CA ALA B 225 19.39 -4.89 -28.03
C ALA B 225 20.21 -5.82 -27.12
N LEU B 226 19.74 -7.05 -26.97
CA LEU B 226 20.41 -8.04 -26.13
C LEU B 226 21.85 -8.32 -26.60
N GLU B 227 22.00 -8.63 -27.89
CA GLU B 227 23.30 -8.92 -28.50
C GLU B 227 24.21 -7.70 -28.30
N ARG B 228 23.73 -6.54 -28.73
CA ARG B 228 24.48 -5.30 -28.57
C ARG B 228 25.02 -5.16 -27.15
N ASP B 229 24.16 -5.41 -26.17
CA ASP B 229 24.57 -5.28 -24.77
C ASP B 229 25.42 -6.41 -24.20
N LYS B 230 25.13 -7.66 -24.56
CA LYS B 230 25.96 -8.74 -24.05
C LYS B 230 27.37 -8.49 -24.59
N ALA B 231 27.44 -8.22 -25.90
CA ALA B 231 28.70 -7.93 -26.59
C ALA B 231 29.46 -6.78 -25.95
N ALA B 232 28.76 -5.86 -25.30
CA ALA B 232 29.41 -4.74 -24.65
C ALA B 232 29.82 -5.05 -23.20
N GLY B 233 29.58 -6.29 -22.75
CA GLY B 233 29.94 -6.68 -21.39
C GLY B 233 28.82 -6.56 -20.37
N LEU B 234 27.64 -6.18 -20.84
CA LEU B 234 26.48 -6.02 -19.97
C LEU B 234 25.76 -7.34 -19.74
N ILE B 235 24.89 -7.36 -18.73
CA ILE B 235 24.17 -8.56 -18.38
C ILE B 235 22.66 -8.36 -18.32
N PRO B 236 21.94 -8.69 -19.40
CA PRO B 236 20.48 -8.56 -19.45
C PRO B 236 19.90 -9.45 -18.33
N PHE B 237 18.82 -9.04 -17.68
CA PHE B 237 18.31 -9.91 -16.63
C PHE B 237 16.83 -9.76 -16.38
N PHE B 238 16.25 -8.68 -16.87
CA PHE B 238 14.83 -8.39 -16.66
C PHE B 238 14.21 -7.75 -17.89
N VAL B 239 13.03 -8.22 -18.28
CA VAL B 239 12.32 -7.68 -19.43
C VAL B 239 10.83 -7.56 -19.07
N VAL B 240 10.30 -6.36 -19.25
CA VAL B 240 8.90 -6.14 -18.98
C VAL B 240 8.24 -6.05 -20.34
N ALA B 241 7.23 -6.89 -20.55
CA ALA B 241 6.48 -6.88 -21.78
C ALA B 241 5.14 -6.27 -21.37
N THR B 242 4.66 -5.31 -22.14
CA THR B 242 3.41 -4.63 -21.82
C THR B 242 2.25 -5.03 -22.71
N LEU B 243 1.11 -5.29 -22.07
CA LEU B 243 -0.13 -5.66 -22.76
C LEU B 243 -1.20 -4.59 -22.46
N GLY B 244 -1.32 -3.62 -23.37
CA GLY B 244 -2.26 -2.53 -23.18
C GLY B 244 -1.52 -1.28 -22.73
N THR B 245 -0.54 -0.84 -23.52
CA THR B 245 0.23 0.36 -23.18
C THR B 245 -0.71 1.53 -22.87
N THR B 246 -0.26 2.43 -21.99
CA THR B 246 -1.08 3.55 -21.58
C THR B 246 -1.28 4.57 -22.69
N SER B 247 -0.33 4.65 -23.63
CA SER B 247 -0.46 5.61 -24.73
C SER B 247 -1.67 5.30 -25.63
N CYS B 248 -1.59 4.19 -26.35
CA CYS B 248 -2.65 3.81 -27.29
C CYS B 248 -3.22 2.43 -27.06
N CYS B 249 -2.85 1.82 -25.93
CA CYS B 249 -3.32 0.48 -25.58
C CYS B 249 -2.90 -0.56 -26.62
N SER B 250 -1.63 -0.57 -26.97
CA SER B 250 -1.11 -1.55 -27.92
C SER B 250 -0.61 -2.78 -27.14
N PHE B 251 -0.10 -3.80 -27.84
CA PHE B 251 0.36 -5.01 -27.16
C PHE B 251 1.69 -5.58 -27.60
N ASP B 252 2.65 -5.70 -26.69
CA ASP B 252 3.93 -6.29 -27.07
C ASP B 252 3.65 -7.74 -27.53
N ASN B 253 4.49 -8.27 -28.41
CA ASN B 253 4.31 -9.64 -28.91
C ASN B 253 4.86 -10.66 -27.91
N LEU B 254 3.97 -11.28 -27.17
CA LEU B 254 4.35 -12.24 -26.15
C LEU B 254 4.86 -13.56 -26.70
N LEU B 255 4.35 -13.99 -27.85
CA LEU B 255 4.81 -15.25 -28.43
C LEU B 255 6.23 -15.11 -28.98
N GLU B 256 6.63 -13.88 -29.27
CA GLU B 256 7.98 -13.62 -29.78
C GLU B 256 8.96 -13.36 -28.64
N VAL B 257 8.50 -12.62 -27.63
CA VAL B 257 9.32 -12.25 -26.47
C VAL B 257 9.57 -13.39 -25.47
N GLY B 258 8.53 -14.15 -25.18
CA GLY B 258 8.65 -15.26 -24.24
C GLY B 258 9.82 -16.17 -24.58
N PRO B 259 9.82 -16.79 -25.78
CA PRO B 259 10.91 -17.69 -26.21
C PRO B 259 12.30 -17.06 -26.07
N ILE B 260 12.40 -15.79 -26.39
CA ILE B 260 13.68 -15.12 -26.28
C ILE B 260 14.17 -15.03 -24.84
N CYS B 261 13.30 -14.59 -23.95
CA CYS B 261 13.66 -14.48 -22.53
C CYS B 261 13.98 -15.84 -21.94
N HIS B 262 13.34 -16.87 -22.45
CA HIS B 262 13.55 -18.23 -22.00
C HIS B 262 14.94 -18.71 -22.41
N GLU B 263 15.19 -18.73 -23.71
CA GLU B 263 16.51 -19.17 -24.19
C GLU B 263 17.63 -18.31 -23.63
N GLU B 264 17.43 -17.00 -23.54
CA GLU B 264 18.44 -16.11 -23.01
C GLU B 264 18.50 -16.16 -21.50
N ASP B 265 17.52 -16.84 -20.91
CA ASP B 265 17.43 -16.97 -19.46
C ASP B 265 17.28 -15.62 -18.75
N ILE B 266 16.29 -14.86 -19.22
CA ILE B 266 15.99 -13.55 -18.66
C ILE B 266 14.64 -13.62 -17.95
N TRP B 267 14.53 -12.94 -16.81
CA TRP B 267 13.27 -12.94 -16.09
C TRP B 267 12.28 -12.14 -16.93
N LEU B 268 11.16 -12.76 -17.30
CA LEU B 268 10.15 -12.07 -18.09
C LEU B 268 8.92 -11.70 -17.26
N HIS B 269 8.72 -10.39 -17.07
CA HIS B 269 7.56 -9.91 -16.31
C HIS B 269 6.56 -9.34 -17.31
N VAL B 270 5.29 -9.66 -17.14
CA VAL B 270 4.24 -9.15 -18.02
C VAL B 270 3.37 -8.14 -17.28
N ASP B 271 3.40 -6.89 -17.73
CA ASP B 271 2.57 -5.83 -17.14
C ASP B 271 1.35 -5.60 -18.03
N ALA B 272 0.20 -6.10 -17.58
CA ALA B 272 -1.05 -5.93 -18.32
C ALA B 272 -2.05 -5.20 -17.41
N ALA B 273 -1.55 -4.24 -16.65
CA ALA B 273 -2.38 -3.50 -15.68
C ALA B 273 -3.81 -3.21 -16.08
N TYR B 274 -3.99 -2.64 -17.26
CA TYR B 274 -5.32 -2.29 -17.73
C TYR B 274 -6.00 -3.38 -18.55
N ALA B 275 -5.38 -3.76 -19.66
CA ALA B 275 -5.95 -4.76 -20.56
C ALA B 275 -6.23 -6.13 -19.94
N GLY B 276 -5.46 -6.51 -18.92
CA GLY B 276 -5.66 -7.81 -18.29
C GLY B 276 -7.09 -8.22 -17.96
N SER B 277 -7.93 -7.28 -17.53
CA SER B 277 -9.30 -7.61 -17.17
C SER B 277 -10.07 -8.21 -18.34
N ALA B 278 -9.78 -7.72 -19.54
CA ALA B 278 -10.47 -8.22 -20.72
C ALA B 278 -10.21 -9.69 -21.02
N PHE B 279 -9.07 -10.21 -20.58
CA PHE B 279 -8.70 -11.60 -20.83
C PHE B 279 -9.65 -12.64 -20.20
N ILE B 280 -10.62 -12.20 -19.40
CA ILE B 280 -11.55 -13.17 -18.86
C ILE B 280 -12.59 -13.43 -19.95
N CYS B 281 -12.44 -12.73 -21.06
CA CYS B 281 -13.33 -12.88 -22.22
C CYS B 281 -12.60 -13.65 -23.33
N PRO B 282 -13.16 -14.79 -23.75
CA PRO B 282 -12.57 -15.63 -24.80
C PRO B 282 -12.08 -14.86 -26.02
N GLU B 283 -12.86 -13.89 -26.46
CA GLU B 283 -12.51 -13.08 -27.64
C GLU B 283 -11.14 -12.46 -27.53
N PHE B 284 -10.75 -12.04 -26.33
CA PHE B 284 -9.48 -11.39 -26.16
C PHE B 284 -8.38 -12.25 -25.60
N ARG B 285 -8.74 -13.38 -25.01
CA ARG B 285 -7.74 -14.24 -24.40
C ARG B 285 -6.49 -14.51 -25.25
N HIS B 286 -6.62 -14.43 -26.57
CA HIS B 286 -5.44 -14.68 -27.40
C HIS B 286 -4.36 -13.64 -27.13
N LEU B 287 -4.78 -12.43 -26.80
CA LEU B 287 -3.82 -11.36 -26.50
C LEU B 287 -2.85 -11.76 -25.39
N LEU B 288 -3.23 -12.75 -24.60
CA LEU B 288 -2.38 -13.19 -23.51
C LEU B 288 -1.55 -14.44 -23.84
N ASN B 289 -1.75 -15.01 -25.04
CA ASN B 289 -1.01 -16.20 -25.46
C ASN B 289 0.48 -15.90 -25.36
N GLY B 290 1.18 -16.68 -24.55
CA GLY B 290 2.60 -16.46 -24.35
C GLY B 290 2.92 -16.35 -22.86
N VAL B 291 1.91 -16.16 -22.01
CA VAL B 291 2.17 -16.06 -20.57
C VAL B 291 2.94 -17.29 -20.18
N GLU B 292 2.63 -18.39 -20.86
CA GLU B 292 3.27 -19.67 -20.66
C GLU B 292 4.76 -19.43 -20.31
N PHE B 293 5.37 -18.49 -21.03
CA PHE B 293 6.78 -18.15 -20.88
C PHE B 293 7.13 -17.19 -19.75
N ALA B 294 6.14 -16.46 -19.23
CA ALA B 294 6.41 -15.48 -18.19
C ALA B 294 6.73 -16.04 -16.81
N ASP B 295 7.65 -15.36 -16.13
CA ASP B 295 8.05 -15.70 -14.76
C ASP B 295 7.07 -15.08 -13.78
N SER B 296 6.46 -13.96 -14.18
CA SER B 296 5.48 -13.24 -13.38
C SER B 296 4.50 -12.47 -14.29
N PHE B 297 3.21 -12.52 -13.95
CA PHE B 297 2.17 -11.87 -14.72
C PHE B 297 1.33 -10.99 -13.79
N ASN B 298 1.02 -9.77 -14.23
CA ASN B 298 0.26 -8.85 -13.39
C ASN B 298 -0.76 -7.97 -14.12
N PHE B 299 -1.88 -7.70 -13.46
CA PHE B 299 -2.92 -6.82 -14.02
C PHE B 299 -3.71 -6.24 -12.86
N ASN B 300 -4.34 -5.09 -13.07
CA ASN B 300 -5.08 -4.43 -11.99
C ASN B 300 -6.59 -4.60 -11.93
N PRO B 301 -7.08 -5.40 -10.97
CA PRO B 301 -8.53 -5.52 -10.92
C PRO B 301 -9.10 -4.17 -10.47
N HIS B 302 -8.25 -3.32 -9.87
CA HIS B 302 -8.70 -2.01 -9.41
C HIS B 302 -8.73 -0.99 -10.53
N LYS B 303 -8.54 -1.48 -11.76
CA LYS B 303 -8.65 -0.59 -12.90
C LYS B 303 -9.93 -0.94 -13.65
N TRP B 304 -9.88 -2.04 -14.38
CA TRP B 304 -11.01 -2.47 -15.19
C TRP B 304 -11.76 -3.76 -14.76
N LEU B 305 -11.72 -4.13 -13.47
CA LEU B 305 -12.43 -5.34 -13.02
C LEU B 305 -13.29 -5.09 -11.78
N LEU B 306 -13.65 -3.83 -11.57
CA LEU B 306 -14.53 -3.42 -10.48
C LEU B 306 -14.15 -3.64 -9.02
N VAL B 307 -12.89 -3.91 -8.75
CA VAL B 307 -12.47 -4.08 -7.36
C VAL B 307 -11.79 -2.78 -6.93
N ASN B 308 -12.50 -1.98 -6.12
CA ASN B 308 -12.03 -0.68 -5.63
C ASN B 308 -10.55 -0.63 -5.32
N PHE B 309 -9.91 0.48 -5.68
CA PHE B 309 -8.47 0.64 -5.49
C PHE B 309 -7.88 0.15 -4.21
N ASP B 310 -6.73 -0.48 -4.47
CA ASP B 310 -5.86 -1.14 -3.54
C ASP B 310 -6.20 -2.59 -3.89
N CYS B 311 -5.77 -3.00 -5.08
CA CYS B 311 -5.93 -4.37 -5.55
C CYS B 311 -5.35 -4.72 -6.91
N SER B 312 -4.08 -5.07 -6.90
CA SER B 312 -3.35 -5.46 -8.11
C SER B 312 -3.05 -6.96 -7.96
N ALA B 313 -3.34 -7.75 -9.00
CA ALA B 313 -3.14 -9.20 -8.97
C ALA B 313 -1.88 -9.67 -9.68
N MET B 314 -0.99 -10.33 -8.92
CA MET B 314 0.29 -10.83 -9.45
C MET B 314 0.48 -12.32 -9.24
N TRP B 315 0.95 -13.00 -10.29
CA TRP B 315 1.18 -14.45 -10.27
C TRP B 315 2.61 -14.78 -10.68
N VAL B 316 3.12 -15.89 -10.17
CA VAL B 316 4.46 -16.35 -10.50
C VAL B 316 4.43 -17.86 -10.61
N LYS B 317 5.36 -18.42 -11.38
CA LYS B 317 5.41 -19.86 -11.56
C LYS B 317 6.21 -20.57 -10.46
N ARG B 318 7.17 -19.85 -9.88
CA ARG B 318 8.01 -20.41 -8.83
C ARG B 318 8.01 -19.52 -7.61
N ARG B 319 7.12 -19.80 -6.66
CA ARG B 319 7.02 -18.99 -5.44
C ARG B 319 8.37 -18.69 -4.76
N THR B 320 9.29 -19.63 -4.80
CA THR B 320 10.60 -19.41 -4.19
C THR B 320 11.45 -18.43 -4.97
N ASP B 321 11.13 -18.25 -6.25
CA ASP B 321 11.84 -17.29 -7.11
C ASP B 321 11.53 -15.88 -6.60
N LEU B 322 10.36 -15.74 -5.99
CA LEU B 322 9.88 -14.48 -5.46
C LEU B 322 10.26 -14.39 -3.99
N THR B 323 9.94 -15.45 -3.26
CA THR B 323 10.20 -15.56 -1.84
C THR B 323 11.67 -15.35 -1.48
N GLY B 324 12.55 -15.74 -2.40
CA GLY B 324 13.98 -15.63 -2.16
C GLY B 324 14.55 -14.23 -2.06
N ALA B 325 13.95 -13.30 -2.80
CA ALA B 325 14.41 -11.92 -2.80
C ALA B 325 14.18 -11.21 -1.47
N PHE B 326 13.21 -11.68 -0.68
CA PHE B 326 12.90 -11.04 0.61
C PHE B 326 13.24 -11.91 1.81
N LYS B 327 14.13 -12.87 1.58
CA LYS B 327 14.61 -13.79 2.62
C LYS B 327 16.13 -13.73 2.68
N SER B 340 5.06 -25.78 -1.98
CA SER B 340 3.91 -25.76 -2.93
C SER B 340 2.51 -25.83 -2.29
N GLY B 341 1.50 -25.56 -3.10
CA GLY B 341 0.13 -25.58 -2.63
C GLY B 341 -0.18 -24.40 -1.71
N LEU B 342 -0.64 -24.72 -0.50
CA LEU B 342 -0.98 -23.73 0.51
C LEU B 342 0.12 -22.72 0.76
N ILE B 343 -0.27 -21.45 0.83
CA ILE B 343 0.63 -20.35 1.08
C ILE B 343 0.32 -19.81 2.47
N THR B 344 1.35 -19.57 3.28
CA THR B 344 1.12 -19.04 4.63
C THR B 344 1.84 -17.70 4.91
N ASP B 345 2.89 -17.39 4.14
CA ASP B 345 3.70 -16.20 4.37
C ASP B 345 3.70 -15.19 3.23
N TYR B 346 2.61 -14.43 3.06
CA TYR B 346 2.60 -13.45 1.99
C TYR B 346 3.60 -12.34 2.19
N ARG B 347 4.16 -12.24 3.40
CA ARG B 347 5.12 -11.20 3.71
C ARG B 347 6.43 -11.30 2.90
N HIS B 348 6.64 -12.44 2.26
CA HIS B 348 7.83 -12.60 1.42
C HIS B 348 7.42 -12.46 -0.04
N TRP B 349 6.19 -12.06 -0.26
CA TRP B 349 5.68 -11.88 -1.61
C TRP B 349 5.55 -10.40 -2.00
N GLN B 350 5.62 -9.52 -1.00
CA GLN B 350 5.49 -8.09 -1.22
C GLN B 350 6.54 -7.29 -0.44
N LEU B 351 6.59 -5.99 -0.69
CA LEU B 351 7.53 -5.11 -0.02
C LEU B 351 7.22 -4.87 1.46
N PRO B 352 5.99 -4.43 1.78
CA PRO B 352 5.60 -4.18 3.17
C PRO B 352 5.36 -5.45 3.98
N LEU B 353 5.35 -5.31 5.31
CA LEU B 353 5.10 -6.45 6.18
C LEU B 353 3.60 -6.59 6.44
N GLY B 354 2.92 -5.49 6.75
CA GLY B 354 1.50 -5.58 7.02
C GLY B 354 0.63 -5.63 5.76
N ARG B 355 -0.65 -5.91 5.93
CA ARG B 355 -1.60 -5.97 4.82
C ARG B 355 -3.05 -6.11 5.34
N ARG B 356 -4.01 -5.60 4.60
CA ARG B 356 -5.44 -5.68 4.99
C ARG B 356 -6.06 -6.90 4.35
N PHE B 357 -7.28 -7.20 4.78
CA PHE B 357 -8.03 -8.35 4.27
C PHE B 357 -8.63 -7.96 2.91
N ARG B 358 -7.76 -7.53 2.00
CA ARG B 358 -8.20 -7.09 0.68
C ARG B 358 -8.94 -8.12 -0.18
N SER B 359 -8.65 -9.41 0.00
CA SER B 359 -9.32 -10.41 -0.81
C SER B 359 -10.84 -10.43 -0.65
N LEU B 360 -11.36 -9.88 0.45
CA LEU B 360 -12.79 -9.81 0.69
C LEU B 360 -13.47 -9.08 -0.46
N LYS B 361 -12.78 -8.09 -1.01
CA LYS B 361 -13.30 -7.31 -2.11
C LYS B 361 -13.43 -8.16 -3.37
N MET B 362 -12.38 -8.91 -3.71
CA MET B 362 -12.43 -9.76 -4.90
C MET B 362 -13.57 -10.76 -4.76
N TRP B 363 -13.67 -11.37 -3.59
CA TRP B 363 -14.71 -12.36 -3.30
C TRP B 363 -16.11 -11.78 -3.50
N PHE B 364 -16.40 -10.66 -2.82
CA PHE B 364 -17.70 -10.02 -2.97
C PHE B 364 -17.97 -9.64 -4.42
N VAL B 365 -16.94 -9.15 -5.12
CA VAL B 365 -17.16 -8.73 -6.48
C VAL B 365 -17.42 -9.93 -7.37
N PHE B 366 -16.50 -10.89 -7.36
CA PHE B 366 -16.67 -12.08 -8.19
C PHE B 366 -17.98 -12.77 -7.88
N ARG B 367 -18.38 -12.85 -6.61
CA ARG B 367 -19.64 -13.51 -6.29
C ARG B 367 -20.88 -12.70 -6.62
N MET B 368 -20.89 -11.41 -6.31
CA MET B 368 -22.08 -10.62 -6.57
C MET B 368 -22.32 -10.29 -8.04
N TYR B 369 -21.27 -10.33 -8.86
CA TYR B 369 -21.42 -10.05 -10.30
C TYR B 369 -21.44 -11.34 -11.11
N GLY B 370 -20.68 -12.32 -10.65
CA GLY B 370 -20.59 -13.57 -11.36
C GLY B 370 -19.74 -13.32 -12.59
N VAL B 371 -19.12 -14.38 -13.11
CA VAL B 371 -18.28 -14.26 -14.29
C VAL B 371 -19.02 -13.61 -15.46
N LYS B 372 -20.24 -14.03 -15.71
CA LYS B 372 -21.01 -13.44 -16.81
C LYS B 372 -21.24 -11.94 -16.64
N GLY B 373 -21.48 -11.52 -15.40
CA GLY B 373 -21.69 -10.11 -15.15
C GLY B 373 -20.45 -9.35 -15.55
N LEU B 374 -19.30 -9.84 -15.08
CA LEU B 374 -18.03 -9.22 -15.37
C LEU B 374 -17.75 -9.17 -16.86
N GLN B 375 -18.01 -10.27 -17.57
CA GLN B 375 -17.79 -10.29 -19.00
C GLN B 375 -18.64 -9.25 -19.74
N ALA B 376 -19.87 -9.09 -19.29
CA ALA B 376 -20.76 -8.12 -19.91
C ALA B 376 -20.22 -6.71 -19.72
N TYR B 377 -19.85 -6.37 -18.48
CA TYR B 377 -19.29 -5.05 -18.16
C TYR B 377 -18.16 -4.68 -19.11
N ILE B 378 -17.21 -5.59 -19.27
CA ILE B 378 -16.09 -5.36 -20.16
C ILE B 378 -16.53 -5.19 -21.61
N ARG B 379 -17.37 -6.10 -22.08
CA ARG B 379 -17.80 -6.01 -23.46
C ARG B 379 -18.57 -4.73 -23.76
N LYS B 380 -19.45 -4.33 -22.85
CA LYS B 380 -20.23 -3.12 -23.04
C LYS B 380 -19.26 -1.95 -23.25
N HIS B 381 -18.21 -1.91 -22.44
CA HIS B 381 -17.23 -0.85 -22.54
C HIS B 381 -16.51 -0.89 -23.88
N VAL B 382 -16.11 -2.08 -24.32
CA VAL B 382 -15.41 -2.18 -25.60
C VAL B 382 -16.35 -1.80 -26.74
N GLN B 383 -17.63 -2.05 -26.55
CA GLN B 383 -18.65 -1.70 -27.53
C GLN B 383 -18.73 -0.17 -27.61
N LEU B 384 -18.78 0.48 -26.44
CA LEU B 384 -18.84 1.93 -26.40
C LEU B 384 -17.60 2.54 -27.04
N SER B 385 -16.44 1.97 -26.73
CA SER B 385 -15.19 2.45 -27.31
C SER B 385 -15.24 2.39 -28.84
N HIS B 386 -15.81 1.33 -29.39
CA HIS B 386 -15.89 1.21 -30.84
C HIS B 386 -16.91 2.16 -31.42
N GLU B 387 -17.91 2.51 -30.61
CA GLU B 387 -18.93 3.45 -31.07
C GLU B 387 -18.25 4.81 -31.27
N PHE B 388 -17.39 5.17 -30.33
CA PHE B 388 -16.67 6.42 -30.42
C PHE B 388 -15.76 6.39 -31.63
N GLU B 389 -15.03 5.29 -31.78
CA GLU B 389 -14.12 5.17 -32.91
C GLU B 389 -14.88 5.41 -34.22
N ALA B 390 -16.10 4.88 -34.28
CA ALA B 390 -16.95 5.03 -35.46
C ALA B 390 -17.17 6.51 -35.75
N PHE B 391 -17.60 7.25 -34.74
CA PHE B 391 -17.85 8.68 -34.87
C PHE B 391 -16.65 9.35 -35.52
N VAL B 392 -15.47 9.13 -34.95
CA VAL B 392 -14.26 9.71 -35.47
C VAL B 392 -14.00 9.25 -36.90
N LEU B 393 -14.24 7.97 -37.18
CA LEU B 393 -14.01 7.42 -38.50
C LEU B 393 -14.98 8.01 -39.52
N GLN B 394 -16.14 8.44 -39.05
CA GLN B 394 -17.15 9.00 -39.94
C GLN B 394 -16.89 10.43 -40.35
N ASP B 395 -16.13 11.16 -39.55
CA ASP B 395 -15.83 12.56 -39.84
C ASP B 395 -14.47 12.72 -40.54
N PRO B 396 -14.48 13.08 -41.83
CA PRO B 396 -13.25 13.26 -42.61
C PRO B 396 -12.27 14.27 -42.05
N ARG B 397 -12.70 15.05 -41.07
CA ARG B 397 -11.80 16.04 -40.48
C ARG B 397 -10.84 15.42 -39.45
N PHE B 398 -11.24 14.28 -38.90
CA PHE B 398 -10.42 13.62 -37.89
C PHE B 398 -9.76 12.35 -38.43
N GLU B 399 -8.94 11.76 -37.58
CA GLU B 399 -8.25 10.51 -37.91
C GLU B 399 -8.05 9.70 -36.62
N VAL B 400 -8.11 8.37 -36.74
CA VAL B 400 -7.91 7.49 -35.60
C VAL B 400 -6.45 7.06 -35.66
N CYS B 401 -5.69 7.36 -34.61
CA CYS B 401 -4.25 7.09 -34.57
C CYS B 401 -3.69 5.71 -34.30
N ALA B 402 -4.51 4.77 -33.85
CA ALA B 402 -3.99 3.45 -33.56
C ALA B 402 -5.10 2.43 -33.55
N GLU B 403 -4.74 1.17 -33.71
CA GLU B 403 -5.75 0.15 -33.70
C GLU B 403 -6.49 0.26 -32.37
N VAL B 404 -7.81 0.14 -32.42
CA VAL B 404 -8.65 0.22 -31.23
C VAL B 404 -9.11 -1.17 -30.78
N THR B 405 -8.44 -1.77 -29.80
CA THR B 405 -8.80 -3.10 -29.32
C THR B 405 -9.71 -3.14 -28.11
N LEU B 406 -9.49 -2.26 -27.15
CA LEU B 406 -10.30 -2.24 -25.92
C LEU B 406 -11.01 -0.90 -25.68
N GLY B 407 -10.98 -0.39 -24.44
CA GLY B 407 -11.70 0.84 -24.15
C GLY B 407 -11.07 2.19 -24.46
N LEU B 408 -9.98 2.20 -25.22
CA LEU B 408 -9.31 3.45 -25.55
C LEU B 408 -9.24 3.76 -27.04
N VAL B 409 -9.46 5.04 -27.37
CA VAL B 409 -9.39 5.51 -28.74
C VAL B 409 -8.50 6.73 -28.84
N CYS B 410 -7.47 6.65 -29.68
CA CYS B 410 -6.56 7.78 -29.86
C CYS B 410 -6.95 8.44 -31.17
N PHE B 411 -7.46 9.68 -31.08
CA PHE B 411 -7.87 10.39 -32.28
C PHE B 411 -7.11 11.67 -32.44
N ARG B 412 -7.38 12.34 -33.55
CA ARG B 412 -6.66 13.57 -33.88
C ARG B 412 -7.41 14.35 -34.94
N LEU B 413 -7.37 15.68 -34.85
CA LEU B 413 -8.00 16.52 -35.85
C LEU B 413 -6.93 16.59 -36.94
N LYS B 414 -7.27 16.25 -38.18
CA LYS B 414 -6.27 16.29 -39.24
C LYS B 414 -5.67 17.69 -39.28
N GLY B 415 -4.36 17.77 -39.16
CA GLY B 415 -3.70 19.07 -39.16
C GLY B 415 -2.36 19.05 -38.45
N SER B 416 -2.08 20.10 -37.68
CA SER B 416 -0.82 20.20 -36.93
C SER B 416 -1.01 19.91 -35.44
N ASP B 417 0.11 19.70 -34.74
CA ASP B 417 0.06 19.44 -33.32
C ASP B 417 -0.50 20.67 -32.62
N GLY B 418 -0.20 21.83 -33.18
CA GLY B 418 -0.69 23.05 -32.59
C GLY B 418 -2.19 23.10 -32.66
N LEU B 419 -2.73 22.68 -33.79
CA LEU B 419 -4.18 22.68 -33.97
C LEU B 419 -4.84 21.76 -32.94
N ASN B 420 -4.24 20.60 -32.71
CA ASN B 420 -4.76 19.64 -31.76
C ASN B 420 -4.58 20.07 -30.31
N GLU B 421 -3.43 20.66 -29.97
CA GLU B 421 -3.22 21.14 -28.60
C GLU B 421 -4.34 22.12 -28.30
N ALA B 422 -4.75 22.85 -29.33
CA ALA B 422 -5.79 23.85 -29.23
C ALA B 422 -7.16 23.22 -28.97
N LEU B 423 -7.50 22.18 -29.73
CA LEU B 423 -8.79 21.54 -29.52
C LEU B 423 -8.87 21.08 -28.07
N LEU B 424 -7.79 20.46 -27.60
CA LEU B 424 -7.73 19.96 -26.23
C LEU B 424 -7.94 21.07 -25.20
N GLU B 425 -7.30 22.21 -25.41
CA GLU B 425 -7.45 23.32 -24.50
C GLU B 425 -8.90 23.77 -24.47
N ARG B 426 -9.52 23.82 -25.64
CA ARG B 426 -10.91 24.25 -25.71
C ARG B 426 -11.87 23.25 -25.09
N ILE B 427 -11.52 21.96 -25.13
CA ILE B 427 -12.38 20.94 -24.55
C ILE B 427 -12.39 21.01 -23.01
N ASN B 428 -11.20 21.12 -22.42
CA ASN B 428 -11.05 21.20 -20.97
C ASN B 428 -11.62 22.48 -20.39
N SER B 429 -11.48 23.58 -21.13
CA SER B 429 -11.98 24.85 -20.66
C SER B 429 -13.48 24.87 -20.66
N ALA B 430 -14.09 24.07 -21.54
CA ALA B 430 -15.53 24.03 -21.64
C ALA B 430 -16.14 23.34 -20.43
N ARG B 431 -15.34 22.52 -19.75
CA ARG B 431 -15.78 21.81 -18.56
C ARG B 431 -16.99 20.86 -18.69
N LYS B 432 -17.17 20.26 -19.86
CA LYS B 432 -18.29 19.32 -20.03
C LYS B 432 -17.76 17.90 -19.85
N ILE B 433 -16.68 17.59 -20.55
CA ILE B 433 -16.06 16.30 -20.49
C ILE B 433 -14.59 16.49 -20.14
N HIS B 434 -13.91 15.41 -19.75
CA HIS B 434 -12.50 15.52 -19.38
C HIS B 434 -11.65 14.50 -20.11
N LEU B 435 -10.69 15.00 -20.89
CA LEU B 435 -9.78 14.19 -21.69
C LEU B 435 -8.33 14.54 -21.43
N VAL B 436 -7.46 13.62 -21.80
CA VAL B 436 -6.05 13.79 -21.63
C VAL B 436 -5.38 13.40 -22.95
N PRO B 437 -4.24 14.03 -23.26
CA PRO B 437 -3.52 13.75 -24.49
C PRO B 437 -2.29 12.92 -24.19
N CYS B 438 -1.50 12.67 -25.22
CA CYS B 438 -0.26 11.91 -25.10
C CYS B 438 0.47 12.05 -26.42
N ARG B 439 1.74 11.69 -26.44
CA ARG B 439 2.49 11.77 -27.67
C ARG B 439 2.67 10.36 -28.20
N LEU B 440 2.42 10.21 -29.49
CA LEU B 440 2.52 8.94 -30.17
C LEU B 440 3.49 9.19 -31.33
N ARG B 441 4.77 8.90 -31.08
CA ARG B 441 5.82 9.14 -32.08
C ARG B 441 5.98 10.65 -32.23
N GLY B 442 6.03 11.36 -31.10
CA GLY B 442 6.20 12.81 -31.12
C GLY B 442 4.98 13.65 -31.48
N GLN B 443 4.02 13.02 -32.15
CA GLN B 443 2.79 13.67 -32.57
C GLN B 443 1.80 13.86 -31.39
N PHE B 444 1.16 15.03 -31.32
CA PHE B 444 0.19 15.31 -30.26
C PHE B 444 -1.12 14.57 -30.58
N VAL B 445 -1.56 13.72 -29.66
CA VAL B 445 -2.75 12.90 -29.84
C VAL B 445 -3.73 13.05 -28.67
N LEU B 446 -5.02 12.99 -28.98
CA LEU B 446 -6.03 13.07 -27.93
C LEU B 446 -6.52 11.66 -27.62
N ARG B 447 -6.72 11.40 -26.33
CA ARG B 447 -7.16 10.08 -25.87
C ARG B 447 -8.58 10.11 -25.37
N PHE B 448 -9.34 9.09 -25.75
CA PHE B 448 -10.72 8.97 -25.29
C PHE B 448 -10.82 7.61 -24.64
N ALA B 449 -11.06 7.61 -23.33
CA ALA B 449 -11.15 6.34 -22.62
C ALA B 449 -12.49 6.11 -21.91
N ILE B 450 -13.09 4.95 -22.15
CA ILE B 450 -14.35 4.64 -21.47
C ILE B 450 -13.95 4.26 -20.03
N CYS B 451 -14.51 4.96 -19.05
CA CYS B 451 -14.18 4.73 -17.65
C CYS B 451 -15.32 4.35 -16.69
N SER B 452 -16.14 5.33 -16.38
CA SER B 452 -17.24 5.12 -15.46
C SER B 452 -18.03 3.84 -15.67
N ARG B 453 -18.43 3.24 -14.56
CA ARG B 453 -19.22 2.04 -14.57
C ARG B 453 -20.57 2.30 -15.25
N LYS B 454 -21.12 3.48 -15.05
CA LYS B 454 -22.43 3.79 -15.62
C LYS B 454 -22.48 4.53 -16.97
N VAL B 455 -21.44 4.39 -17.79
CA VAL B 455 -21.41 5.04 -19.11
C VAL B 455 -22.36 4.36 -20.11
N GLU B 456 -23.04 5.16 -20.93
CA GLU B 456 -23.99 4.65 -21.91
C GLU B 456 -23.73 5.25 -23.29
N SER B 457 -24.33 4.66 -24.33
CA SER B 457 -24.13 5.16 -25.69
C SER B 457 -24.45 6.64 -25.77
N GLY B 458 -25.45 7.05 -24.99
CA GLY B 458 -25.86 8.44 -24.96
C GLY B 458 -24.74 9.38 -24.56
N HIS B 459 -24.03 9.02 -23.48
CA HIS B 459 -22.94 9.87 -23.02
C HIS B 459 -21.89 10.05 -24.09
N VAL B 460 -21.54 8.96 -24.77
CA VAL B 460 -20.53 9.01 -25.81
C VAL B 460 -20.98 9.89 -26.98
N ARG B 461 -22.21 9.70 -27.48
CA ARG B 461 -22.70 10.52 -28.60
C ARG B 461 -22.62 12.00 -28.23
N LEU B 462 -23.16 12.37 -27.08
CA LEU B 462 -23.11 13.77 -26.66
C LEU B 462 -21.66 14.26 -26.54
N ALA B 463 -20.80 13.40 -26.02
CA ALA B 463 -19.40 13.77 -25.86
C ALA B 463 -18.78 14.02 -27.24
N TRP B 464 -19.09 13.16 -28.20
CA TRP B 464 -18.53 13.31 -29.55
C TRP B 464 -19.01 14.59 -30.18
N GLU B 465 -20.33 14.78 -30.17
CA GLU B 465 -20.94 15.98 -30.74
C GLU B 465 -20.24 17.21 -30.19
N HIS B 466 -20.13 17.27 -28.85
CA HIS B 466 -19.48 18.38 -28.19
C HIS B 466 -18.05 18.61 -28.70
N ILE B 467 -17.32 17.52 -28.92
CA ILE B 467 -15.96 17.64 -29.42
C ILE B 467 -15.94 18.11 -30.88
N ARG B 468 -16.91 17.62 -31.66
CA ARG B 468 -17.00 17.97 -33.07
C ARG B 468 -17.37 19.45 -33.20
N GLY B 469 -18.26 19.90 -32.32
CA GLY B 469 -18.64 21.30 -32.35
C GLY B 469 -17.43 22.18 -32.08
N LEU B 470 -16.73 21.88 -30.99
CA LEU B 470 -15.55 22.65 -30.65
C LEU B 470 -14.51 22.60 -31.76
N ALA B 471 -14.33 21.43 -32.38
CA ALA B 471 -13.35 21.33 -33.47
C ALA B 471 -13.78 22.25 -34.63
N ALA B 472 -15.06 22.21 -34.95
CA ALA B 472 -15.60 23.04 -36.02
C ALA B 472 -15.30 24.51 -35.73
N GLU B 473 -15.78 25.00 -34.59
CA GLU B 473 -15.55 26.39 -34.17
C GLU B 473 -14.09 26.72 -34.41
N LEU B 474 -13.24 25.96 -33.75
CA LEU B 474 -11.79 26.14 -33.85
C LEU B 474 -11.28 26.18 -35.29
N LEU B 475 -11.90 25.40 -36.17
CA LEU B 475 -11.49 25.35 -37.56
C LEU B 475 -11.83 26.61 -38.35
N ALA B 476 -12.57 27.51 -37.73
CA ALA B 476 -12.93 28.75 -38.41
C ALA B 476 -12.05 29.90 -37.90
#